data_4I14
#
_entry.id   4I14
#
_cell.length_a   168.764
_cell.length_b   74.839
_cell.length_c   76.427
_cell.angle_alpha   90.00
_cell.angle_beta   90.00
_cell.angle_gamma   90.00
#
_symmetry.space_group_name_H-M   'P 21 21 2'
#
loop_
_entity.id
_entity.type
_entity.pdbx_description
1 polymer 'Riboflavin biosynthesis protein RibBA'
2 non-polymer 'ZINC ION'
3 non-polymer 'SULFATE ION'
4 water water
#
_entity_poly.entity_id   1
_entity_poly.type   'polypeptide(L)'
_entity_poly.pdbx_seq_one_letter_code
;MTRLDSVERAVADIAAGKAVIVIDDEDRENEGDLIFAAEKATPEMVAFMVRYTSGYLCVPLDGAICDRLGLLPMYAVNQD
KHGTAYTVTVDARNGIGTGISASDRATTMRLLADPTSVADDFTRPGHVVPLRAKDGGVLRRPGHTEAAVDLARMAGLQPA
GAICEIVSQKDEGSMAHTDELRVFADEHGLALITIADLIEWRRKHEKHIERVAEARIPTRHGEFRAIGYTSIYEDVEHVA
LVRGEIAGPNADGDDVLVRVHSECLTGDVFGSRRCDCGPQLDAALAMVAREGRGVVLYMRGHEGRGIGLMHKLQAYQLQD
AGADTVDANLKLGLPADARDYGIGAQILVDLGVRSMRLLTNNPAKRVGLDGYGLHIIERVPLPVRANAENIRYLMTKRDK
LGHDLAGLDDFHESVHLPGEFGGAL
;
_entity_poly.pdbx_strand_id   A,B
#
loop_
_chem_comp.id
_chem_comp.type
_chem_comp.name
_chem_comp.formula
SO4 non-polymer 'SULFATE ION' 'O4 S -2'
ZN non-polymer 'ZINC ION' 'Zn 2'
#
# COMPACT_ATOMS: atom_id res chain seq x y z
N MET A 1 6.84 -22.90 30.91
CA MET A 1 7.84 -23.98 30.62
C MET A 1 9.20 -23.44 30.10
N THR A 2 9.24 -22.93 28.87
CA THR A 2 10.51 -22.62 28.20
C THR A 2 11.11 -21.24 28.56
N ARG A 3 12.43 -21.20 28.74
CA ARG A 3 13.13 -19.96 29.07
C ARG A 3 14.04 -19.51 27.93
N LEU A 4 13.98 -18.23 27.63
CA LEU A 4 14.64 -17.67 26.45
C LEU A 4 15.68 -16.61 26.83
N ASP A 5 16.75 -16.50 26.06
CA ASP A 5 17.63 -15.35 26.25
C ASP A 5 17.00 -14.09 25.66
N SER A 6 17.47 -12.94 26.11
CA SER A 6 16.93 -11.67 25.67
C SER A 6 17.43 -11.33 24.28
N VAL A 7 16.70 -10.45 23.60
CA VAL A 7 17.17 -9.90 22.34
C VAL A 7 18.46 -9.11 22.55
N GLU A 8 18.57 -8.43 23.69
CA GLU A 8 19.77 -7.67 24.00
C GLU A 8 21.04 -8.54 23.98
N ARG A 9 20.93 -9.77 24.48
CA ARG A 9 22.02 -10.72 24.34
C ARG A 9 22.30 -11.03 22.86
N ALA A 10 21.24 -11.40 22.13
CA ALA A 10 21.43 -11.89 20.79
C ALA A 10 22.17 -10.85 19.94
N VAL A 11 21.77 -9.58 20.05
CA VAL A 11 22.37 -8.52 19.24
C VAL A 11 23.85 -8.44 19.55
N ALA A 12 24.17 -8.33 20.84
CA ALA A 12 25.54 -8.25 21.32
C ALA A 12 26.38 -9.44 20.90
N ASP A 13 25.83 -10.65 20.93
CA ASP A 13 26.60 -11.83 20.52
C ASP A 13 26.87 -11.77 19.01
N ILE A 14 25.83 -11.45 18.24
CA ILE A 14 25.93 -11.21 16.82
C ILE A 14 27.04 -10.18 16.53
N ALA A 15 27.08 -9.12 17.31
CA ALA A 15 28.03 -8.04 17.10
C ALA A 15 29.45 -8.54 17.35
N ALA A 16 29.56 -9.47 18.28
CA ALA A 16 30.84 -10.03 18.67
C ALA A 16 31.26 -11.18 17.74
N GLY A 17 30.49 -11.43 16.69
CA GLY A 17 30.82 -12.51 15.77
C GLY A 17 30.51 -13.91 16.27
N LYS A 18 29.69 -14.00 17.33
CA LYS A 18 29.22 -15.27 17.86
C LYS A 18 27.90 -15.64 17.17
N ALA A 19 27.39 -16.84 17.41
CA ALA A 19 26.16 -17.28 16.76
C ALA A 19 25.06 -17.40 17.79
N VAL A 20 23.82 -17.39 17.32
CA VAL A 20 22.64 -17.50 18.17
C VAL A 20 21.70 -18.53 17.56
N ILE A 21 20.73 -19.00 18.34
CA ILE A 21 19.73 -19.90 17.80
C ILE A 21 18.39 -19.19 17.83
N VAL A 22 17.64 -19.33 16.74
CA VAL A 22 16.35 -18.66 16.61
C VAL A 22 15.22 -19.68 16.32
N ILE A 23 14.20 -19.64 17.18
CA ILE A 23 12.92 -20.32 16.96
C ILE A 23 11.82 -19.26 16.77
N ASP A 24 10.66 -19.65 16.24
CA ASP A 24 9.61 -18.68 15.91
C ASP A 24 8.99 -18.09 17.15
N ASP A 25 8.61 -18.98 18.06
CA ASP A 25 7.99 -18.62 19.31
C ASP A 25 8.29 -19.72 20.32
N GLU A 26 7.43 -19.85 21.34
CA GLU A 26 7.66 -20.74 22.48
C GLU A 26 7.16 -22.18 22.28
N ASP A 27 6.46 -22.44 21.18
CA ASP A 27 5.85 -23.76 20.94
C ASP A 27 6.92 -24.83 20.87
N ARG A 28 6.68 -25.94 21.55
CA ARG A 28 7.66 -27.01 21.71
C ARG A 28 8.02 -27.76 20.42
N GLU A 29 7.22 -27.61 19.37
CA GLU A 29 7.46 -28.33 18.12
C GLU A 29 8.35 -27.61 17.11
N ASN A 30 8.77 -26.39 17.45
CA ASN A 30 9.58 -25.56 16.56
C ASN A 30 10.97 -26.11 16.25
N GLU A 31 11.33 -26.07 14.99
CA GLU A 31 12.71 -26.28 14.59
C GLU A 31 13.49 -24.96 14.80
N GLY A 32 14.80 -25.04 14.83
CA GLY A 32 15.60 -23.85 15.08
C GLY A 32 16.70 -23.68 14.07
N ASP A 33 16.93 -22.43 13.67
CA ASP A 33 18.07 -22.07 12.85
C ASP A 33 19.20 -21.56 13.71
N LEU A 34 20.41 -22.04 13.41
CA LEU A 34 21.61 -21.43 13.95
C LEU A 34 21.97 -20.27 13.03
N ILE A 35 22.28 -19.12 13.63
CA ILE A 35 22.44 -17.87 12.90
C ILE A 35 23.66 -17.08 13.34
N PHE A 36 24.44 -16.64 12.35
CA PHE A 36 25.48 -15.62 12.56
C PHE A 36 25.51 -14.61 11.40
N ALA A 37 26.21 -13.49 11.59
CA ALA A 37 26.27 -12.43 10.60
C ALA A 37 27.25 -12.82 9.53
N ALA A 38 26.82 -12.75 8.26
CA ALA A 38 27.61 -13.22 7.13
C ALA A 38 29.03 -12.67 7.10
N GLU A 39 29.20 -11.43 7.54
CA GLU A 39 30.52 -10.79 7.49
C GLU A 39 31.39 -11.25 8.65
N LYS A 40 30.86 -12.12 9.50
CA LYS A 40 31.61 -12.66 10.63
C LYS A 40 31.92 -14.13 10.39
N ALA A 41 31.75 -14.58 9.15
CA ALA A 41 31.99 -15.97 8.82
C ALA A 41 33.48 -16.24 8.80
N THR A 42 33.91 -17.14 9.66
CA THR A 42 35.29 -17.59 9.67
C THR A 42 35.27 -19.09 9.38
N PRO A 43 36.44 -19.69 9.13
CA PRO A 43 36.44 -21.15 9.00
C PRO A 43 35.98 -21.82 10.31
N GLU A 44 36.47 -21.35 11.45
CA GLU A 44 36.07 -21.91 12.75
C GLU A 44 34.55 -21.94 12.92
N MET A 45 33.90 -20.83 12.57
CA MET A 45 32.47 -20.67 12.79
C MET A 45 31.60 -21.50 11.83
N VAL A 46 31.96 -21.48 10.55
CA VAL A 46 31.25 -22.24 9.55
C VAL A 46 31.40 -23.73 9.80
N ALA A 47 32.63 -24.13 10.13
CA ALA A 47 32.89 -25.51 10.49
C ALA A 47 32.03 -25.91 11.67
N PHE A 48 31.82 -24.99 12.62
CA PHE A 48 30.95 -25.27 13.77
C PHE A 48 29.52 -25.42 13.31
N MET A 49 29.09 -24.54 12.42
CA MET A 49 27.74 -24.59 11.87
C MET A 49 27.51 -25.87 11.09
N VAL A 50 28.48 -26.25 10.26
CA VAL A 50 28.36 -27.44 9.45
C VAL A 50 28.29 -28.69 10.34
N ARG A 51 29.00 -28.65 11.47
CA ARG A 51 29.03 -29.76 12.40
C ARG A 51 27.63 -30.11 12.89
N TYR A 52 26.89 -29.12 13.36
CA TYR A 52 25.63 -29.38 14.03
C TYR A 52 24.38 -29.07 13.23
N THR A 53 24.52 -28.79 11.94
CA THR A 53 23.34 -28.46 11.14
C THR A 53 23.18 -29.38 9.93
N SER A 54 22.14 -29.13 9.14
CA SER A 54 21.82 -29.94 7.97
C SER A 54 22.88 -29.83 6.86
N GLY A 55 23.74 -28.80 6.97
CA GLY A 55 24.77 -28.53 5.97
C GLY A 55 24.30 -27.81 4.70
N TYR A 56 23.00 -27.55 4.60
CA TYR A 56 22.39 -26.79 3.52
C TYR A 56 22.44 -25.30 3.90
N LEU A 57 23.62 -24.71 3.82
CA LEU A 57 23.87 -23.36 4.36
C LEU A 57 23.22 -22.24 3.55
N CYS A 58 22.60 -21.30 4.26
CA CYS A 58 21.91 -20.20 3.58
C CYS A 58 22.43 -18.83 4.01
N VAL A 59 22.29 -17.85 3.12
CA VAL A 59 22.71 -16.48 3.42
C VAL A 59 21.57 -15.46 3.21
N PRO A 60 20.78 -15.23 4.28
CA PRO A 60 19.74 -14.22 4.23
C PRO A 60 20.33 -12.84 3.96
N LEU A 61 19.83 -12.20 2.91
CA LEU A 61 20.32 -10.91 2.45
C LEU A 61 19.23 -9.82 2.33
N ASP A 62 19.64 -8.58 2.53
CA ASP A 62 18.82 -7.40 2.33
C ASP A 62 18.60 -7.13 0.86
N GLY A 63 17.36 -6.88 0.47
CA GLY A 63 16.99 -6.55 -0.92
C GLY A 63 18.00 -5.70 -1.66
N ALA A 64 18.45 -4.62 -1.03
CA ALA A 64 19.49 -3.75 -1.56
C ALA A 64 20.77 -4.52 -1.96
N ILE A 65 21.25 -5.41 -1.09
CA ILE A 65 22.39 -6.28 -1.44
C ILE A 65 22.05 -7.19 -2.63
N CYS A 66 20.87 -7.81 -2.63
CA CYS A 66 20.45 -8.70 -3.70
C CYS A 66 20.55 -8.01 -5.07
N ASP A 67 20.01 -6.80 -5.12
CA ASP A 67 19.92 -6.06 -6.35
C ASP A 67 21.27 -5.58 -6.83
N ARG A 68 22.18 -5.27 -5.91
CA ARG A 68 23.52 -4.86 -6.30
C ARG A 68 24.23 -6.01 -7.02
N LEU A 69 23.96 -7.23 -6.58
CA LEU A 69 24.62 -8.42 -7.10
C LEU A 69 23.84 -9.16 -8.18
N GLY A 70 22.73 -8.59 -8.64
CA GLY A 70 21.88 -9.21 -9.66
C GLY A 70 21.25 -10.52 -9.21
N LEU A 71 20.91 -10.61 -7.92
CA LEU A 71 20.39 -11.83 -7.31
C LEU A 71 18.95 -11.72 -6.86
N LEU A 72 18.18 -12.77 -7.12
CA LEU A 72 16.80 -12.93 -6.64
C LEU A 72 15.91 -11.71 -6.91
N PRO A 73 16.05 -11.10 -8.10
CA PRO A 73 15.40 -9.81 -8.37
C PRO A 73 13.91 -9.84 -8.04
N MET A 74 13.41 -8.75 -7.45
CA MET A 74 12.01 -8.65 -7.02
C MET A 74 10.99 -9.23 -8.02
N TYR A 75 11.24 -9.09 -9.31
CA TYR A 75 10.38 -9.66 -10.36
C TYR A 75 11.22 -10.34 -11.43
N ALA A 85 11.72 -24.48 -12.00
CA ALA A 85 12.23 -23.87 -10.77
C ALA A 85 13.38 -24.66 -10.12
N TYR A 86 14.42 -23.93 -9.70
CA TYR A 86 15.62 -24.51 -9.11
C TYR A 86 16.10 -23.53 -8.04
N THR A 87 16.98 -23.98 -7.14
CA THR A 87 17.53 -23.06 -6.16
C THR A 87 18.72 -22.31 -6.73
N VAL A 88 18.71 -20.99 -6.56
CA VAL A 88 19.86 -20.17 -6.91
C VAL A 88 20.96 -20.38 -5.87
N THR A 89 22.13 -20.82 -6.33
CA THR A 89 23.31 -20.89 -5.47
C THR A 89 24.49 -20.11 -6.05
N VAL A 90 25.43 -19.75 -5.18
CA VAL A 90 26.59 -18.95 -5.54
C VAL A 90 27.85 -19.48 -4.87
N ASP A 91 28.98 -19.29 -5.53
CA ASP A 91 30.29 -19.48 -4.93
C ASP A 91 31.15 -18.28 -5.26
N ALA A 92 31.94 -17.82 -4.30
CA ALA A 92 32.93 -16.80 -4.58
C ALA A 92 33.75 -17.23 -5.80
N ARG A 93 33.91 -16.35 -6.77
CA ARG A 93 34.66 -16.71 -7.96
C ARG A 93 36.16 -16.84 -7.67
N ASN A 94 36.69 -15.88 -6.93
CA ASN A 94 38.12 -15.88 -6.62
C ASN A 94 38.44 -16.19 -5.17
N GLY A 95 39.62 -16.76 -4.95
CA GLY A 95 40.18 -16.96 -3.62
C GLY A 95 39.84 -18.30 -2.96
N ILE A 96 39.03 -19.11 -3.64
CA ILE A 96 38.63 -20.41 -3.10
C ILE A 96 39.06 -21.59 -4.00
N GLY A 97 38.92 -22.81 -3.46
CA GLY A 97 39.16 -24.04 -4.20
C GLY A 97 37.84 -24.58 -4.71
N THR A 98 37.45 -25.77 -4.26
CA THR A 98 36.21 -26.40 -4.75
C THR A 98 34.93 -25.75 -4.24
N GLY A 99 35.04 -24.95 -3.17
CA GLY A 99 33.92 -24.12 -2.71
C GLY A 99 33.01 -24.76 -1.68
N ILE A 100 33.46 -25.88 -1.13
CA ILE A 100 32.65 -26.70 -0.22
C ILE A 100 33.13 -26.72 1.25
N SER A 101 34.45 -26.66 1.46
CA SER A 101 35.06 -26.55 2.79
C SER A 101 34.62 -25.30 3.52
N ALA A 102 34.64 -25.36 4.85
CA ALA A 102 34.22 -24.24 5.69
C ALA A 102 34.93 -22.93 5.33
N SER A 103 36.18 -23.01 4.88
CA SER A 103 36.93 -21.83 4.46
C SER A 103 36.31 -21.20 3.23
N ASP A 104 36.16 -22.01 2.18
CA ASP A 104 35.53 -21.58 0.94
C ASP A 104 34.13 -21.02 1.17
N ARG A 105 33.30 -21.78 1.88
CA ARG A 105 31.97 -21.31 2.24
C ARG A 105 32.00 -20.02 3.07
N ALA A 106 33.03 -19.88 3.91
CA ALA A 106 33.20 -18.69 4.74
C ALA A 106 33.56 -17.52 3.84
N THR A 107 34.51 -17.73 2.94
CA THR A 107 34.90 -16.70 2.00
C THR A 107 33.66 -16.21 1.23
N THR A 108 32.88 -17.15 0.70
CA THR A 108 31.67 -16.82 -0.04
C THR A 108 30.73 -15.94 0.80
N MET A 109 30.49 -16.33 2.04
CA MET A 109 29.59 -15.58 2.89
C MET A 109 30.10 -14.15 3.10
N ARG A 110 31.38 -14.04 3.48
CA ARG A 110 32.02 -12.76 3.68
C ARG A 110 31.84 -11.86 2.47
N LEU A 111 31.97 -12.47 1.29
CA LEU A 111 31.94 -11.76 0.03
C LEU A 111 30.56 -11.18 -0.24
N LEU A 112 29.53 -11.98 0.04
CA LEU A 112 28.14 -11.55 -0.10
C LEU A 112 27.83 -10.37 0.80
N ALA A 113 28.40 -10.38 2.00
CA ALA A 113 28.19 -9.34 3.00
C ALA A 113 28.87 -8.04 2.64
N ASP A 114 30.11 -8.13 2.15
CA ASP A 114 30.93 -6.94 1.85
C ASP A 114 30.26 -5.97 0.84
N PRO A 115 30.12 -4.67 1.22
CA PRO A 115 29.36 -3.74 0.37
C PRO A 115 30.03 -3.38 -0.97
N THR A 116 31.29 -3.76 -1.16
CA THR A 116 31.98 -3.44 -2.42
C THR A 116 31.75 -4.47 -3.51
N SER A 117 31.54 -5.73 -3.12
CA SER A 117 31.43 -6.84 -4.09
C SER A 117 30.32 -6.64 -5.12
N VAL A 118 30.54 -7.23 -6.29
CA VAL A 118 29.70 -7.03 -7.46
C VAL A 118 29.32 -8.39 -8.06
N ALA A 119 28.39 -8.39 -9.01
CA ALA A 119 27.88 -9.62 -9.62
C ALA A 119 28.97 -10.64 -10.00
N ASP A 120 29.95 -10.20 -10.79
CA ASP A 120 30.97 -11.13 -11.28
C ASP A 120 32.08 -11.46 -10.27
N ASP A 121 31.85 -11.17 -8.99
CA ASP A 121 32.74 -11.65 -7.93
C ASP A 121 32.30 -13.04 -7.49
N PHE A 122 31.21 -13.52 -8.10
CA PHE A 122 30.63 -14.83 -7.79
C PHE A 122 30.42 -15.67 -9.06
N THR A 123 30.44 -16.99 -8.90
CA THR A 123 29.98 -17.92 -9.93
C THR A 123 28.73 -18.65 -9.50
N ARG A 124 27.76 -18.73 -10.41
CA ARG A 124 26.63 -19.60 -10.26
C ARG A 124 26.99 -20.88 -11.04
N PRO A 125 26.75 -22.07 -10.47
CA PRO A 125 26.17 -22.32 -9.15
C PRO A 125 27.28 -22.43 -8.12
N GLY A 126 26.90 -22.65 -6.87
CA GLY A 126 27.86 -22.87 -5.82
C GLY A 126 27.23 -23.70 -4.73
N HIS A 127 27.63 -23.41 -3.50
CA HIS A 127 27.26 -24.21 -2.33
C HIS A 127 26.71 -23.29 -1.24
N VAL A 128 26.33 -22.10 -1.65
CA VAL A 128 25.69 -21.17 -0.74
C VAL A 128 24.39 -20.68 -1.35
N VAL A 129 23.30 -20.79 -0.58
CA VAL A 129 21.96 -20.38 -1.00
C VAL A 129 21.64 -18.97 -0.49
N PRO A 130 21.81 -17.94 -1.34
CA PRO A 130 21.35 -16.63 -0.89
C PRO A 130 19.81 -16.60 -0.75
N LEU A 131 19.32 -15.91 0.26
CA LEU A 131 17.89 -15.78 0.46
C LEU A 131 17.51 -14.31 0.54
N ARG A 132 16.34 -13.95 0.01
CA ARG A 132 15.88 -12.56 0.03
C ARG A 132 14.98 -12.22 1.23
N ALA A 133 15.47 -11.35 2.09
CA ALA A 133 14.71 -10.91 3.25
C ALA A 133 13.82 -9.76 2.85
N LYS A 134 12.56 -9.81 3.26
CA LYS A 134 11.62 -8.74 2.98
C LYS A 134 12.09 -7.43 3.61
N ASP A 135 11.97 -6.34 2.88
CA ASP A 135 12.20 -5.00 3.41
C ASP A 135 11.50 -4.82 4.76
N GLY A 136 12.24 -4.41 5.78
CA GLY A 136 11.61 -4.12 7.07
C GLY A 136 11.60 -5.25 8.08
N GLY A 137 12.17 -6.38 7.71
CA GLY A 137 12.46 -7.46 8.65
C GLY A 137 11.24 -8.12 9.25
N VAL A 138 11.42 -8.70 10.43
CA VAL A 138 10.42 -9.57 11.06
C VAL A 138 9.07 -8.89 11.27
N LEU A 139 9.10 -7.57 11.29
CA LEU A 139 7.87 -6.78 11.46
C LEU A 139 6.94 -6.95 10.28
N ARG A 140 7.52 -7.27 9.12
CA ARG A 140 6.74 -7.42 7.89
C ARG A 140 6.57 -8.89 7.47
N ARG A 141 7.53 -9.73 7.86
CA ARG A 141 7.46 -11.17 7.61
C ARG A 141 8.23 -11.90 8.70
N PRO A 142 7.52 -12.66 9.56
CA PRO A 142 8.14 -13.31 10.72
C PRO A 142 8.97 -14.59 10.40
N GLY A 143 9.81 -14.53 9.38
CA GLY A 143 10.64 -15.66 9.01
C GLY A 143 12.06 -15.62 9.56
N HIS A 144 12.71 -16.78 9.56
CA HIS A 144 14.07 -16.88 10.04
C HIS A 144 14.99 -16.04 9.16
N THR A 145 14.73 -16.02 7.85
CA THR A 145 15.49 -15.16 6.93
C THR A 145 15.52 -13.73 7.49
N GLU A 146 14.33 -13.21 7.80
CA GLU A 146 14.20 -11.82 8.20
C GLU A 146 14.90 -11.55 9.52
N ALA A 147 14.79 -12.52 10.44
CA ALA A 147 15.48 -12.44 11.73
C ALA A 147 16.99 -12.35 11.58
N ALA A 148 17.55 -13.09 10.62
CA ALA A 148 19.00 -13.09 10.35
C ALA A 148 19.55 -11.76 9.85
N VAL A 149 18.88 -11.15 8.88
CA VAL A 149 19.22 -9.81 8.43
C VAL A 149 19.01 -8.78 9.54
N ASP A 150 17.86 -8.86 10.23
CA ASP A 150 17.59 -7.97 11.38
C ASP A 150 18.70 -7.99 12.42
N LEU A 151 19.05 -9.18 12.91
CA LEU A 151 20.08 -9.31 13.91
C LEU A 151 21.40 -8.68 13.46
N ALA A 152 21.85 -9.04 12.26
CA ALA A 152 23.00 -8.41 11.65
C ALA A 152 22.90 -6.88 11.68
N ARG A 153 21.76 -6.34 11.30
CA ARG A 153 21.63 -4.89 11.16
C ARG A 153 21.57 -4.25 12.53
N MET A 154 20.85 -4.89 13.44
CA MET A 154 20.70 -4.38 14.79
C MET A 154 22.02 -4.33 15.53
N ALA A 155 22.99 -5.10 15.06
CA ALA A 155 24.30 -5.16 15.69
C ALA A 155 25.28 -4.20 15.02
N GLY A 156 24.77 -3.32 14.18
CA GLY A 156 25.62 -2.34 13.51
C GLY A 156 26.50 -2.94 12.42
N LEU A 157 26.15 -4.15 11.98
CA LEU A 157 26.87 -4.80 10.89
C LEU A 157 26.09 -4.71 9.61
N GLN A 158 26.60 -5.36 8.56
CA GLN A 158 25.93 -5.41 7.24
C GLN A 158 24.63 -6.21 7.34
N PRO A 159 23.61 -5.83 6.54
CA PRO A 159 22.34 -6.55 6.63
C PRO A 159 22.41 -7.92 5.92
N ALA A 160 23.39 -8.73 6.32
CA ALA A 160 23.66 -10.04 5.73
C ALA A 160 23.95 -11.07 6.82
N GLY A 161 23.15 -12.15 6.82
CA GLY A 161 23.27 -13.20 7.81
C GLY A 161 23.59 -14.53 7.18
N ALA A 162 23.84 -15.53 8.02
CA ALA A 162 24.16 -16.90 7.59
C ALA A 162 23.41 -17.89 8.48
N ILE A 163 22.57 -18.72 7.88
CA ILE A 163 21.70 -19.61 8.66
C ILE A 163 21.67 -21.04 8.14
N CYS A 164 21.48 -21.98 9.06
CA CYS A 164 21.21 -23.38 8.76
C CYS A 164 20.57 -24.04 9.96
N GLU A 165 19.70 -25.03 9.72
CA GLU A 165 18.89 -25.66 10.77
C GLU A 165 19.68 -26.72 11.54
N ILE A 166 19.45 -26.79 12.84
CA ILE A 166 20.19 -27.66 13.74
C ILE A 166 19.55 -29.05 13.80
N VAL A 167 20.34 -30.07 13.46
CA VAL A 167 19.87 -31.46 13.53
C VAL A 167 19.71 -31.90 14.98
N SER A 168 18.89 -32.92 15.20
CA SER A 168 18.73 -33.49 16.52
C SER A 168 19.83 -34.52 16.79
N GLN A 169 20.20 -34.67 18.06
CA GLN A 169 21.16 -35.68 18.45
C GLN A 169 20.48 -36.82 19.19
N LYS A 170 19.46 -36.51 19.98
CA LYS A 170 18.71 -37.56 20.67
C LYS A 170 17.92 -38.46 19.71
N ASP A 171 17.22 -37.86 18.75
CA ASP A 171 16.61 -38.61 17.62
C ASP A 171 17.34 -38.29 16.30
N GLU A 172 18.27 -39.18 15.93
CA GLU A 172 19.12 -39.03 14.75
C GLU A 172 18.38 -38.53 13.50
N GLY A 173 17.26 -39.19 13.20
CA GLY A 173 16.51 -38.93 11.99
C GLY A 173 16.01 -37.50 11.78
N SER A 174 15.73 -36.80 12.89
CA SER A 174 14.97 -35.55 12.82
C SER A 174 15.78 -34.27 13.04
N MET A 175 15.11 -33.14 12.86
CA MET A 175 15.61 -31.85 13.25
C MET A 175 15.26 -31.56 14.71
N ALA A 176 16.16 -30.84 15.38
CA ALA A 176 15.99 -30.50 16.79
C ALA A 176 14.73 -29.67 16.99
N HIS A 177 13.97 -30.03 18.01
CA HIS A 177 12.88 -29.17 18.45
C HIS A 177 13.27 -28.32 19.67
N THR A 178 12.31 -27.51 20.14
CA THR A 178 12.57 -26.46 21.11
C THR A 178 13.32 -26.88 22.38
N ASP A 179 12.82 -27.90 23.07
CA ASP A 179 13.45 -28.35 24.32
C ASP A 179 14.94 -28.73 24.14
N GLU A 180 15.26 -29.51 23.11
CA GLU A 180 16.64 -29.90 22.83
C GLU A 180 17.53 -28.76 22.36
N LEU A 181 16.93 -27.76 21.70
CA LEU A 181 17.67 -26.57 21.30
C LEU A 181 18.02 -25.79 22.55
N ARG A 182 17.15 -25.82 23.56
CA ARG A 182 17.45 -25.17 24.85
C ARG A 182 18.73 -25.70 25.49
N VAL A 183 18.87 -27.03 25.59
CA VAL A 183 20.12 -27.58 26.17
C VAL A 183 21.29 -27.42 25.21
N PHE A 184 21.03 -27.52 23.90
CA PHE A 184 22.10 -27.32 22.95
C PHE A 184 22.64 -25.93 23.15
N ALA A 185 21.74 -24.94 23.25
CA ALA A 185 22.15 -23.58 23.49
C ALA A 185 22.88 -23.41 24.82
N ASP A 186 22.43 -24.13 25.85
CA ASP A 186 23.11 -24.08 27.12
C ASP A 186 24.52 -24.67 27.04
N GLU A 187 24.58 -25.89 26.54
CA GLU A 187 25.83 -26.61 26.44
C GLU A 187 26.87 -25.80 25.70
N HIS A 188 26.50 -25.27 24.54
CA HIS A 188 27.45 -24.56 23.69
C HIS A 188 27.56 -23.05 23.95
N GLY A 189 26.96 -22.55 25.01
CA GLY A 189 27.02 -21.12 25.33
C GLY A 189 26.47 -20.21 24.25
N LEU A 190 25.29 -20.54 23.74
CA LEU A 190 24.65 -19.74 22.69
C LEU A 190 23.35 -19.12 23.21
N ALA A 191 22.88 -18.06 22.57
CA ALA A 191 21.57 -17.54 22.95
C ALA A 191 20.53 -18.30 22.17
N LEU A 192 19.38 -18.53 22.81
CA LEU A 192 18.19 -19.06 22.16
C LEU A 192 17.13 -17.97 22.23
N ILE A 193 16.68 -17.47 21.07
CA ILE A 193 15.64 -16.44 21.09
C ILE A 193 14.49 -16.74 20.10
N THR A 194 13.31 -16.14 20.36
CA THR A 194 12.15 -16.32 19.50
C THR A 194 11.88 -15.12 18.58
N ILE A 195 11.43 -15.41 17.37
CA ILE A 195 11.00 -14.34 16.48
C ILE A 195 9.95 -13.44 17.16
N ALA A 196 9.03 -14.05 17.91
CA ALA A 196 8.09 -13.32 18.77
C ALA A 196 8.80 -12.28 19.62
N ASP A 197 9.82 -12.70 20.35
CA ASP A 197 10.54 -11.79 21.24
C ASP A 197 11.32 -10.74 20.44
N LEU A 198 11.73 -11.11 19.22
CA LEU A 198 12.45 -10.17 18.38
C LEU A 198 11.52 -9.09 17.82
N ILE A 199 10.37 -9.51 17.30
CA ILE A 199 9.35 -8.60 16.80
C ILE A 199 9.09 -7.51 17.84
N GLU A 200 8.66 -7.93 19.03
CA GLU A 200 8.21 -6.97 20.03
C GLU A 200 9.34 -6.19 20.67
N TRP A 201 10.57 -6.71 20.60
CA TRP A 201 11.70 -5.90 21.02
C TRP A 201 11.88 -4.73 20.07
N ARG A 202 11.76 -4.99 18.77
CA ARG A 202 11.87 -3.96 17.74
C ARG A 202 10.74 -2.93 17.87
N ARG A 203 9.58 -3.40 18.32
CA ARG A 203 8.43 -2.54 18.53
C ARG A 203 8.61 -1.60 19.71
N LYS A 204 9.36 -2.06 20.71
CA LYS A 204 9.58 -1.28 21.93
C LYS A 204 10.85 -0.43 21.90
N HIS A 205 11.73 -0.67 20.94
CA HIS A 205 13.00 0.03 20.95
C HIS A 205 13.36 0.78 19.66
N GLU A 206 12.47 0.78 18.67
CA GLU A 206 12.68 1.54 17.45
C GLU A 206 11.51 2.49 17.26
N LYS A 207 11.78 3.71 16.81
CA LYS A 207 10.70 4.63 16.51
C LYS A 207 10.18 4.31 15.12
N HIS A 208 8.92 3.88 15.05
CA HIS A 208 8.26 3.54 13.79
C HIS A 208 7.24 4.59 13.39
N ILE A 209 7.07 5.61 14.23
CA ILE A 209 6.11 6.67 13.94
C ILE A 209 6.80 7.94 13.49
N GLU A 210 6.07 8.76 12.73
CA GLU A 210 6.49 10.14 12.46
C GLU A 210 5.30 11.09 12.33
N ARG A 211 5.54 12.36 12.64
CA ARG A 211 4.50 13.38 12.53
C ARG A 211 4.27 13.76 11.08
N VAL A 212 3.00 13.79 10.69
CA VAL A 212 2.66 14.19 9.32
C VAL A 212 2.05 15.60 9.25
N ALA A 213 1.05 15.87 10.08
CA ALA A 213 0.35 17.16 10.09
C ALA A 213 0.15 17.68 11.51
N GLU A 214 -0.06 18.99 11.62
CA GLU A 214 -0.33 19.63 12.90
C GLU A 214 -1.27 20.83 12.70
N ALA A 215 -2.42 20.78 13.36
CA ALA A 215 -3.41 21.87 13.33
C ALA A 215 -4.04 22.08 14.72
N ARG A 216 -4.50 23.29 15.00
CA ARG A 216 -5.19 23.58 16.27
C ARG A 216 -6.67 23.60 15.97
N ILE A 217 -7.46 22.75 16.63
CA ILE A 217 -8.91 22.71 16.35
C ILE A 217 -9.84 23.23 17.47
N PRO A 218 -10.67 24.24 17.13
CA PRO A 218 -11.72 24.73 18.04
C PRO A 218 -12.85 23.72 18.21
N THR A 219 -13.17 23.37 19.44
CA THR A 219 -14.32 22.51 19.70
C THR A 219 -15.14 23.13 20.81
N ARG A 220 -16.24 22.47 21.15
CA ARG A 220 -17.05 22.81 22.31
C ARG A 220 -16.26 22.76 23.62
N HIS A 221 -15.21 21.93 23.61
CA HIS A 221 -14.39 21.73 24.80
C HIS A 221 -13.11 22.57 24.76
N GLY A 222 -13.05 23.53 23.86
CA GLY A 222 -11.88 24.39 23.77
C GLY A 222 -11.00 24.03 22.60
N GLU A 223 -9.83 24.64 22.53
CA GLU A 223 -8.88 24.35 21.47
C GLU A 223 -7.99 23.19 21.86
N PHE A 224 -7.78 22.28 20.91
CA PHE A 224 -6.82 21.19 21.07
C PHE A 224 -5.79 21.24 19.95
N ARG A 225 -4.54 21.00 20.31
CA ARG A 225 -3.47 20.83 19.33
C ARG A 225 -3.56 19.40 18.75
N ALA A 226 -3.89 19.32 17.46
CA ALA A 226 -4.07 18.03 16.80
C ALA A 226 -2.85 17.65 15.99
N ILE A 227 -2.09 16.67 16.50
CA ILE A 227 -0.91 16.16 15.81
C ILE A 227 -1.22 14.84 15.11
N GLY A 228 -0.89 14.75 13.82
CA GLY A 228 -1.09 13.54 13.04
C GLY A 228 0.16 12.67 12.98
N TYR A 229 -0.03 11.36 13.20
CA TYR A 229 1.08 10.40 13.20
C TYR A 229 0.88 9.25 12.24
N THR A 230 1.93 8.93 11.51
CA THR A 230 1.89 7.76 10.68
C THR A 230 2.85 6.67 11.19
N SER A 231 2.54 5.43 10.83
CA SER A 231 3.38 4.29 11.13
C SER A 231 4.09 3.84 9.85
N ILE A 232 5.39 3.58 9.95
CA ILE A 232 6.17 3.11 8.81
C ILE A 232 5.72 1.70 8.40
N TYR A 233 4.87 1.11 9.23
CA TYR A 233 4.42 -0.27 9.03
C TYR A 233 2.90 -0.40 9.05
N GLU A 234 2.22 0.53 8.37
CA GLU A 234 0.76 0.57 8.25
C GLU A 234 0.39 1.85 7.48
N ASP A 235 -0.74 1.83 6.77
CA ASP A 235 -1.14 3.02 6.01
C ASP A 235 -2.34 3.69 6.68
N VAL A 236 -2.07 4.44 7.74
CA VAL A 236 -3.09 5.14 8.54
C VAL A 236 -2.51 6.31 9.34
N GLU A 237 -3.24 7.41 9.37
CA GLU A 237 -2.92 8.52 10.25
C GLU A 237 -3.71 8.39 11.54
N HIS A 238 -3.02 8.19 12.65
CA HIS A 238 -3.62 8.31 13.97
C HIS A 238 -3.46 9.76 14.37
N VAL A 239 -4.38 10.29 15.18
CA VAL A 239 -4.23 11.66 15.65
C VAL A 239 -4.29 11.75 17.16
N ALA A 240 -3.36 12.50 17.72
CA ALA A 240 -3.32 12.84 19.13
C ALA A 240 -3.80 14.27 19.33
N LEU A 241 -4.78 14.44 20.21
CA LEU A 241 -5.28 15.76 20.55
C LEU A 241 -4.65 16.20 21.87
N VAL A 242 -3.92 17.31 21.83
CA VAL A 242 -3.09 17.75 22.94
C VAL A 242 -3.53 19.09 23.51
N ARG A 243 -3.77 19.11 24.82
CA ARG A 243 -4.18 20.33 25.52
C ARG A 243 -3.04 20.82 26.40
N GLY A 244 -2.75 22.11 26.33
CA GLY A 244 -1.68 22.73 27.12
C GLY A 244 -0.29 22.23 26.79
N GLU A 245 0.66 22.63 27.63
CA GLU A 245 2.08 22.26 27.49
C GLU A 245 2.37 20.94 28.24
N ILE A 246 3.01 20.00 27.55
CA ILE A 246 3.30 18.68 28.12
C ILE A 246 4.70 18.61 28.78
N ALA A 247 5.73 18.96 28.01
CA ALA A 247 7.13 18.84 28.44
C ALA A 247 7.75 20.16 28.96
N GLY A 248 8.38 20.08 30.14
CA GLY A 248 9.07 21.22 30.77
C GLY A 248 8.22 22.45 31.05
N ASP A 252 8.93 18.89 33.20
CA ASP A 252 7.61 18.30 33.38
C ASP A 252 7.50 16.93 32.69
N GLY A 253 6.48 16.76 31.86
CA GLY A 253 6.17 15.47 31.25
C GLY A 253 5.50 14.48 32.19
N ASP A 254 5.58 14.76 33.49
CA ASP A 254 5.00 13.89 34.51
C ASP A 254 3.53 14.20 34.78
N ASP A 255 2.82 13.23 35.37
CA ASP A 255 1.45 13.42 35.85
C ASP A 255 0.43 13.80 34.77
N VAL A 256 0.72 13.46 33.52
CA VAL A 256 -0.14 13.78 32.37
C VAL A 256 -1.39 12.91 32.34
N LEU A 257 -2.55 13.54 32.16
CA LEU A 257 -3.82 12.84 32.03
C LEU A 257 -3.92 12.36 30.59
N VAL A 258 -4.23 11.09 30.41
CA VAL A 258 -4.28 10.51 29.08
C VAL A 258 -5.52 9.66 28.89
N ARG A 259 -6.03 9.68 27.66
CA ARG A 259 -7.03 8.73 27.22
C ARG A 259 -6.56 8.14 25.89
N VAL A 260 -6.55 6.82 25.82
CA VAL A 260 -6.30 6.16 24.55
C VAL A 260 -7.65 5.59 24.09
N HIS A 261 -8.12 6.08 22.95
CA HIS A 261 -9.45 5.78 22.46
C HIS A 261 -9.32 5.16 21.08
N SER A 262 -9.57 3.86 20.97
CA SER A 262 -9.53 3.24 19.65
C SER A 262 -10.80 3.55 18.84
N GLU A 263 -10.61 3.93 17.58
CA GLU A 263 -11.67 4.39 16.69
C GLU A 263 -12.86 3.45 16.62
N CYS A 264 -14.05 4.00 16.81
CA CYS A 264 -15.30 3.27 16.62
C CYS A 264 -16.21 4.06 15.70
N LEU A 265 -16.44 3.54 14.51
CA LEU A 265 -17.14 4.30 13.48
C LEU A 265 -18.59 4.55 13.86
N THR A 266 -19.35 3.48 14.01
CA THR A 266 -20.76 3.56 14.41
C THR A 266 -20.91 4.47 15.60
N GLY A 267 -20.02 4.30 16.58
CA GLY A 267 -20.09 5.07 17.81
C GLY A 267 -19.72 6.54 17.67
N ASP A 268 -18.47 6.77 17.27
CA ASP A 268 -17.89 8.10 17.28
C ASP A 268 -18.50 9.01 16.25
N VAL A 269 -18.84 8.43 15.09
CA VAL A 269 -19.25 9.20 13.93
C VAL A 269 -20.78 9.31 13.84
N PHE A 270 -21.47 8.17 13.96
CA PHE A 270 -22.92 8.15 13.76
C PHE A 270 -23.75 8.26 15.05
N GLY A 271 -23.06 8.35 16.19
CA GLY A 271 -23.72 8.41 17.49
C GLY A 271 -24.57 7.19 17.76
N SER A 272 -24.00 6.00 17.53
CA SER A 272 -24.68 4.75 17.81
C SER A 272 -25.01 4.66 19.29
N ARG A 273 -26.24 4.26 19.60
CA ARG A 273 -26.72 4.18 20.98
C ARG A 273 -26.40 2.82 21.61
N ARG A 274 -26.13 1.82 20.77
CA ARG A 274 -25.77 0.48 21.25
C ARG A 274 -24.27 0.28 21.50
N CYS A 275 -23.55 1.38 21.68
CA CYS A 275 -22.17 1.37 22.19
C CYS A 275 -21.87 2.71 22.83
N ASP A 276 -21.13 2.70 23.94
CA ASP A 276 -20.85 3.94 24.69
C ASP A 276 -19.60 4.70 24.17
N CYS A 277 -18.97 4.15 23.14
CA CYS A 277 -17.77 4.71 22.52
C CYS A 277 -17.87 6.22 22.27
N GLY A 278 -18.93 6.63 21.56
CA GLY A 278 -19.13 8.03 21.20
C GLY A 278 -19.17 8.94 22.42
N PRO A 279 -20.17 8.71 23.31
CA PRO A 279 -20.20 9.35 24.62
C PRO A 279 -18.86 9.37 25.37
N GLN A 280 -18.04 8.34 25.20
CA GLN A 280 -16.81 8.22 25.98
C GLN A 280 -15.69 9.12 25.47
N LEU A 281 -15.58 9.24 24.15
CA LEU A 281 -14.60 10.16 23.59
C LEU A 281 -14.93 11.58 24.06
N ASP A 282 -16.20 11.93 24.00
CA ASP A 282 -16.66 13.26 24.33
C ASP A 282 -16.38 13.59 25.78
N ALA A 283 -16.61 12.60 26.63
CA ALA A 283 -16.39 12.74 28.06
C ALA A 283 -14.89 12.86 28.34
N ALA A 284 -14.07 12.11 27.61
CA ALA A 284 -12.63 12.18 27.75
C ALA A 284 -12.13 13.57 27.39
N LEU A 285 -12.63 14.10 26.27
CA LEU A 285 -12.27 15.44 25.81
C LEU A 285 -12.63 16.49 26.85
N ALA A 286 -13.88 16.45 27.30
CA ALA A 286 -14.36 17.31 28.38
C ALA A 286 -13.41 17.28 29.57
N MET A 287 -13.15 16.08 30.09
CA MET A 287 -12.32 15.91 31.27
C MET A 287 -10.93 16.50 31.08
N VAL A 288 -10.26 16.11 29.99
CA VAL A 288 -8.94 16.64 29.64
C VAL A 288 -8.98 18.17 29.60
N ALA A 289 -9.97 18.72 28.87
CA ALA A 289 -10.16 20.16 28.74
C ALA A 289 -10.41 20.89 30.08
N ARG A 290 -11.11 20.24 31.00
CA ARG A 290 -11.34 20.79 32.35
C ARG A 290 -10.03 20.88 33.13
N GLU A 291 -9.20 19.84 32.99
CA GLU A 291 -7.89 19.79 33.62
C GLU A 291 -6.90 20.77 32.96
N GLY A 292 -7.25 21.29 31.79
CA GLY A 292 -6.42 22.27 31.09
C GLY A 292 -5.07 21.76 30.57
N ARG A 293 -4.90 20.45 30.55
CA ARG A 293 -3.67 19.80 30.11
C ARG A 293 -3.92 18.30 29.96
N GLY A 294 -3.61 17.77 28.78
CA GLY A 294 -3.68 16.31 28.57
C GLY A 294 -3.58 15.84 27.13
N VAL A 295 -3.81 14.54 26.94
CA VAL A 295 -3.73 13.90 25.63
C VAL A 295 -4.88 12.92 25.45
N VAL A 296 -5.66 13.10 24.39
CA VAL A 296 -6.60 12.07 23.96
C VAL A 296 -6.14 11.53 22.61
N LEU A 297 -5.60 10.31 22.63
CA LEU A 297 -5.19 9.59 21.43
C LEU A 297 -6.36 8.91 20.71
N TYR A 298 -6.52 9.23 19.43
CA TYR A 298 -7.55 8.58 18.62
C TYR A 298 -6.88 7.57 17.71
N MET A 299 -6.99 6.30 18.07
CA MET A 299 -6.27 5.20 17.40
C MET A 299 -7.14 4.49 16.36
N ARG A 300 -6.58 4.24 15.17
CA ARG A 300 -7.34 3.64 14.07
C ARG A 300 -6.64 2.50 13.34
N TYR A 341 -1.90 -4.14 20.36
CA TYR A 341 -0.70 -3.54 20.93
C TYR A 341 -0.69 -2.00 20.85
N GLY A 342 0.33 -1.40 21.48
CA GLY A 342 0.45 0.05 21.59
C GLY A 342 1.50 0.71 20.70
N ILE A 343 1.10 1.04 19.47
CA ILE A 343 1.81 2.05 18.68
C ILE A 343 1.54 3.39 19.36
N GLY A 344 0.42 3.45 20.08
CA GLY A 344 0.03 4.61 20.86
C GLY A 344 1.03 4.94 21.94
N ALA A 345 1.72 3.91 22.44
CA ALA A 345 2.78 4.09 23.42
C ALA A 345 3.91 4.98 22.87
N GLN A 346 4.35 4.67 21.66
CA GLN A 346 5.39 5.45 20.97
C GLN A 346 4.99 6.90 20.70
N ILE A 347 3.72 7.12 20.37
CA ILE A 347 3.20 8.47 20.21
C ILE A 347 3.33 9.25 21.54
N LEU A 348 2.89 8.64 22.63
CA LEU A 348 3.02 9.26 23.94
C LEU A 348 4.46 9.65 24.28
N VAL A 349 5.42 8.76 24.07
CA VAL A 349 6.81 9.09 24.37
C VAL A 349 7.34 10.18 23.42
N ASP A 350 6.80 10.24 22.20
CA ASP A 350 7.15 11.30 21.26
C ASP A 350 6.58 12.63 21.71
N LEU A 351 5.44 12.57 22.41
CA LEU A 351 4.79 13.75 22.95
C LEU A 351 5.43 14.25 24.24
N GLY A 352 6.49 13.56 24.68
CA GLY A 352 7.19 13.95 25.90
C GLY A 352 6.47 13.55 27.17
N VAL A 353 5.63 12.52 27.09
CA VAL A 353 4.97 11.98 28.29
C VAL A 353 5.93 11.01 28.97
N ARG A 354 6.23 11.28 30.24
CA ARG A 354 7.09 10.40 31.03
C ARG A 354 6.24 9.54 31.95
N SER A 355 5.32 10.19 32.68
CA SER A 355 4.40 9.48 33.56
C SER A 355 2.97 9.96 33.36
N MET A 356 2.04 9.02 33.31
CA MET A 356 0.67 9.31 32.94
C MET A 356 -0.35 8.67 33.86
N ARG A 357 -1.61 9.08 33.70
CA ARG A 357 -2.74 8.39 34.34
C ARG A 357 -3.85 8.17 33.32
N LEU A 358 -4.14 6.89 33.05
CA LEU A 358 -5.02 6.51 31.96
C LEU A 358 -6.49 6.64 32.30
N LEU A 359 -7.25 7.25 31.40
CA LEU A 359 -8.70 7.32 31.48
C LEU A 359 -9.32 6.06 30.88
N THR A 360 -9.93 5.24 31.73
CA THR A 360 -10.46 3.94 31.32
C THR A 360 -11.36 3.32 32.40
N ASN A 361 -12.25 2.43 31.97
CA ASN A 361 -13.13 1.71 32.88
C ASN A 361 -12.71 0.25 33.12
N ASN A 362 -11.71 -0.21 32.36
CA ASN A 362 -11.21 -1.58 32.47
C ASN A 362 -9.90 -1.69 33.28
N PRO A 363 -9.95 -2.34 34.45
CA PRO A 363 -8.74 -2.57 35.24
C PRO A 363 -8.10 -3.93 34.93
N ASP A 370 4.58 -1.31 30.77
CA ASP A 370 5.22 -1.75 29.54
C ASP A 370 6.67 -1.26 29.43
N GLY A 371 7.44 -1.86 28.51
CA GLY A 371 8.84 -1.51 28.32
C GLY A 371 9.02 -0.34 27.38
N TYR A 372 8.41 0.79 27.72
CA TYR A 372 8.46 2.00 26.90
C TYR A 372 9.00 3.21 27.65
N GLY A 373 9.20 3.05 28.96
CA GLY A 373 9.50 4.18 29.84
C GLY A 373 8.28 5.06 30.02
N LEU A 374 7.12 4.41 30.17
CA LEU A 374 5.87 5.11 30.50
C LEU A 374 5.38 4.63 31.86
N HIS A 375 5.06 5.58 32.74
CA HIS A 375 4.61 5.23 34.08
C HIS A 375 3.10 5.39 34.22
N ILE A 376 2.41 4.25 34.27
CA ILE A 376 1.03 4.18 34.69
C ILE A 376 0.94 4.47 36.19
N ILE A 377 0.19 5.51 36.55
CA ILE A 377 0.05 5.88 37.96
C ILE A 377 -1.29 5.41 38.53
N GLU A 378 -2.39 5.88 37.96
CA GLU A 378 -3.73 5.45 38.39
C GLU A 378 -4.66 5.29 37.19
N ARG A 379 -5.32 4.14 37.09
CA ARG A 379 -6.41 3.95 36.13
C ARG A 379 -7.66 4.67 36.66
N VAL A 380 -8.23 5.58 35.87
CA VAL A 380 -9.38 6.38 36.32
C VAL A 380 -10.61 6.39 35.39
N PRO A 381 -11.83 6.24 35.96
CA PRO A 381 -13.06 6.01 35.20
C PRO A 381 -13.55 7.21 34.38
N LEU A 382 -14.28 6.92 33.30
CA LEU A 382 -14.97 7.94 32.50
C LEU A 382 -16.46 7.98 32.89
N PRO A 383 -17.06 9.18 32.93
CA PRO A 383 -18.42 9.27 33.46
C PRO A 383 -19.46 8.98 32.40
N MET B 1 -27.73 14.26 -31.97
CA MET B 1 -26.64 13.77 -31.07
C MET B 1 -25.32 13.51 -31.82
N THR B 2 -24.65 12.41 -31.46
CA THR B 2 -23.36 12.03 -32.06
C THR B 2 -23.15 10.51 -31.94
N ARG B 3 -23.12 9.82 -33.08
CA ARG B 3 -22.96 8.36 -33.08
C ARG B 3 -21.72 7.94 -32.31
N LEU B 4 -21.87 6.91 -31.48
CA LEU B 4 -20.74 6.27 -30.82
C LEU B 4 -20.67 4.81 -31.20
N ASP B 5 -19.45 4.28 -31.32
CA ASP B 5 -19.25 2.84 -31.53
C ASP B 5 -19.37 2.11 -30.19
N SER B 6 -19.47 0.79 -30.25
CA SER B 6 -19.54 -0.05 -29.06
C SER B 6 -18.17 -0.25 -28.45
N VAL B 7 -18.14 -0.59 -27.17
CA VAL B 7 -16.90 -0.99 -26.54
C VAL B 7 -16.45 -2.30 -27.17
N GLU B 8 -17.40 -3.23 -27.34
CA GLU B 8 -17.14 -4.52 -27.94
C GLU B 8 -16.30 -4.39 -29.23
N ARG B 9 -16.61 -3.38 -30.04
CA ARG B 9 -15.85 -3.11 -31.26
C ARG B 9 -14.46 -2.58 -30.96
N ALA B 10 -14.39 -1.64 -30.02
CA ALA B 10 -13.14 -0.99 -29.65
C ALA B 10 -12.09 -2.01 -29.19
N VAL B 11 -12.54 -2.98 -28.39
CA VAL B 11 -11.68 -4.02 -27.83
C VAL B 11 -11.14 -4.96 -28.91
N ALA B 12 -12.02 -5.43 -29.80
CA ALA B 12 -11.61 -6.26 -30.94
C ALA B 12 -10.64 -5.51 -31.85
N ASP B 13 -10.86 -4.20 -32.01
CA ASP B 13 -9.98 -3.33 -32.79
C ASP B 13 -8.58 -3.23 -32.15
N ILE B 14 -8.54 -3.06 -30.84
CA ILE B 14 -7.27 -3.04 -30.11
C ILE B 14 -6.52 -4.35 -30.34
N ALA B 15 -7.20 -5.46 -30.08
CA ALA B 15 -6.61 -6.79 -30.23
C ALA B 15 -6.03 -7.02 -31.62
N ALA B 16 -6.68 -6.47 -32.64
CA ALA B 16 -6.26 -6.67 -34.04
C ALA B 16 -4.97 -5.92 -34.39
N GLY B 17 -4.55 -5.01 -33.52
CA GLY B 17 -3.41 -4.16 -33.81
C GLY B 17 -3.82 -2.79 -34.31
N LYS B 18 -5.12 -2.53 -34.31
CA LYS B 18 -5.67 -1.25 -34.74
C LYS B 18 -5.76 -0.26 -33.58
N ALA B 19 -6.06 1.00 -33.90
CA ALA B 19 -6.20 2.06 -32.89
C ALA B 19 -7.68 2.48 -32.75
N VAL B 20 -8.02 3.09 -31.61
CA VAL B 20 -9.34 3.67 -31.41
C VAL B 20 -9.23 5.11 -30.93
N ILE B 21 -10.34 5.84 -30.93
CA ILE B 21 -10.41 7.18 -30.38
C ILE B 21 -11.34 7.20 -29.19
N VAL B 22 -10.91 7.87 -28.12
CA VAL B 22 -11.62 7.83 -26.85
C VAL B 22 -11.91 9.24 -26.29
N ILE B 23 -13.16 9.48 -25.92
CA ILE B 23 -13.54 10.71 -25.25
C ILE B 23 -14.20 10.39 -23.92
N ASP B 24 -14.59 11.39 -23.15
CA ASP B 24 -15.22 11.16 -21.84
C ASP B 24 -16.68 10.74 -21.97
N ASP B 25 -17.40 11.43 -22.85
CA ASP B 25 -18.85 11.31 -22.96
C ASP B 25 -19.36 11.94 -24.24
N GLU B 26 -20.68 12.11 -24.34
CA GLU B 26 -21.32 12.60 -25.55
C GLU B 26 -21.13 14.12 -25.81
N ASP B 27 -20.54 14.82 -24.83
CA ASP B 27 -20.46 16.30 -24.84
C ASP B 27 -19.62 16.86 -25.98
N ARG B 28 -20.20 17.79 -26.74
CA ARG B 28 -19.59 18.37 -27.96
C ARG B 28 -18.24 19.04 -27.71
N GLU B 29 -18.01 19.45 -26.46
CA GLU B 29 -16.85 20.23 -26.05
C GLU B 29 -15.56 19.40 -25.85
N ASN B 30 -15.68 18.07 -25.88
CA ASN B 30 -14.62 17.14 -25.46
C ASN B 30 -13.43 17.01 -26.40
N GLU B 31 -12.24 16.81 -25.83
CA GLU B 31 -11.05 16.44 -26.60
C GLU B 31 -10.88 14.92 -26.62
N GLY B 32 -10.12 14.40 -27.58
CA GLY B 32 -9.99 12.96 -27.73
C GLY B 32 -8.58 12.45 -27.94
N ASP B 33 -8.25 11.36 -27.24
CA ASP B 33 -6.98 10.66 -27.41
C ASP B 33 -7.11 9.56 -28.46
N LEU B 34 -6.08 9.41 -29.28
CA LEU B 34 -5.95 8.27 -30.15
C LEU B 34 -5.18 7.19 -29.39
N ILE B 35 -5.70 5.97 -29.38
CA ILE B 35 -5.15 4.91 -28.54
C ILE B 35 -4.99 3.61 -29.29
N PHE B 36 -3.81 3.00 -29.18
CA PHE B 36 -3.61 1.59 -29.57
C PHE B 36 -2.88 0.84 -28.46
N ALA B 37 -2.69 -0.46 -28.64
CA ALA B 37 -1.98 -1.26 -27.64
C ALA B 37 -0.49 -1.09 -27.81
N ALA B 38 0.21 -0.81 -26.71
CA ALA B 38 1.65 -0.57 -26.75
C ALA B 38 2.42 -1.68 -27.48
N GLU B 39 2.08 -2.94 -27.20
CA GLU B 39 2.77 -4.06 -27.86
C GLU B 39 2.52 -4.10 -29.35
N LYS B 40 1.39 -3.55 -29.78
CA LYS B 40 1.08 -3.50 -31.20
C LYS B 40 1.66 -2.24 -31.88
N ALA B 41 2.70 -1.66 -31.29
CA ALA B 41 3.31 -0.47 -31.89
C ALA B 41 4.22 -0.82 -33.07
N THR B 42 3.83 -0.36 -34.24
CA THR B 42 4.66 -0.54 -35.44
C THR B 42 5.17 0.80 -35.94
N PRO B 43 6.16 0.80 -36.85
CA PRO B 43 6.46 2.03 -37.55
C PRO B 43 5.22 2.66 -38.21
N GLU B 44 4.47 1.87 -38.99
CA GLU B 44 3.21 2.34 -39.60
C GLU B 44 2.27 3.00 -38.58
N MET B 45 2.02 2.32 -37.47
CA MET B 45 1.07 2.79 -36.47
C MET B 45 1.52 4.06 -35.74
N VAL B 46 2.76 4.08 -35.26
CA VAL B 46 3.29 5.26 -34.58
C VAL B 46 3.28 6.44 -35.54
N ALA B 47 3.66 6.19 -36.80
CA ALA B 47 3.68 7.23 -37.82
C ALA B 47 2.29 7.83 -38.04
N PHE B 48 1.27 6.98 -37.98
CA PHE B 48 -0.10 7.46 -38.12
C PHE B 48 -0.42 8.38 -36.95
N MET B 49 -0.05 7.95 -35.74
CA MET B 49 -0.28 8.75 -34.54
C MET B 49 0.46 10.08 -34.58
N VAL B 50 1.72 10.06 -35.03
CA VAL B 50 2.52 11.28 -35.00
C VAL B 50 1.92 12.26 -35.99
N ARG B 51 1.34 11.71 -37.05
CA ARG B 51 0.77 12.51 -38.13
C ARG B 51 -0.37 13.36 -37.58
N TYR B 52 -1.28 12.74 -36.83
CA TYR B 52 -2.53 13.40 -36.48
C TYR B 52 -2.67 13.87 -35.04
N THR B 53 -1.69 13.57 -34.21
CA THR B 53 -1.73 13.99 -32.82
C THR B 53 -0.69 15.08 -32.58
N SER B 54 -0.59 15.56 -31.34
CA SER B 54 0.36 16.61 -31.00
C SER B 54 1.83 16.13 -31.04
N GLY B 55 2.02 14.81 -31.21
CA GLY B 55 3.35 14.20 -31.23
C GLY B 55 3.99 14.04 -29.86
N TYR B 56 3.20 14.17 -28.79
CA TYR B 56 3.70 14.07 -27.44
C TYR B 56 3.31 12.69 -26.91
N LEU B 57 4.04 11.69 -27.38
CA LEU B 57 3.58 10.31 -27.25
C LEU B 57 3.66 9.80 -25.84
N CYS B 58 2.57 9.21 -25.37
CA CYS B 58 2.48 8.70 -24.02
C CYS B 58 2.12 7.23 -24.01
N VAL B 59 2.66 6.52 -23.03
CA VAL B 59 2.44 5.10 -22.87
C VAL B 59 1.86 4.82 -21.47
N PRO B 60 0.52 4.72 -21.36
CA PRO B 60 -0.08 4.41 -20.06
C PRO B 60 0.23 2.98 -19.65
N LEU B 61 0.59 2.80 -18.38
CA LEU B 61 1.05 1.51 -17.90
C LEU B 61 0.30 1.04 -16.66
N ASP B 62 0.16 -0.27 -16.55
CA ASP B 62 -0.28 -0.94 -15.34
C ASP B 62 0.80 -0.74 -14.29
N GLY B 63 0.38 -0.33 -13.10
CA GLY B 63 1.29 -0.07 -11.98
C GLY B 63 2.32 -1.15 -11.76
N ALA B 64 1.97 -2.39 -12.10
CA ALA B 64 2.89 -3.54 -12.02
C ALA B 64 4.09 -3.44 -12.99
N ILE B 65 3.84 -2.97 -14.22
CA ILE B 65 4.93 -2.73 -15.17
C ILE B 65 5.80 -1.55 -14.70
N CYS B 66 5.15 -0.55 -14.08
CA CYS B 66 5.83 0.63 -13.59
C CYS B 66 6.85 0.26 -12.51
N ASP B 67 6.37 -0.40 -11.47
CA ASP B 67 7.25 -0.92 -10.43
C ASP B 67 8.31 -1.83 -11.03
N ARG B 68 7.88 -2.76 -11.89
CA ARG B 68 8.80 -3.75 -12.46
C ARG B 68 9.97 -3.11 -13.18
N LEU B 69 9.73 -1.95 -13.80
CA LEU B 69 10.79 -1.22 -14.49
C LEU B 69 11.38 -0.09 -13.64
N GLY B 70 10.76 0.17 -12.50
CA GLY B 70 11.25 1.20 -11.57
C GLY B 70 10.93 2.63 -11.96
N LEU B 71 9.80 2.81 -12.66
CA LEU B 71 9.35 4.12 -13.14
C LEU B 71 8.13 4.57 -12.39
N LEU B 72 8.20 5.74 -11.78
CA LEU B 72 7.01 6.37 -11.17
C LEU B 72 6.51 5.63 -9.91
N PRO B 73 7.30 5.70 -8.83
CA PRO B 73 6.87 5.12 -7.57
C PRO B 73 5.84 6.03 -6.92
N MET B 74 5.23 5.59 -5.82
CA MET B 74 4.28 6.41 -5.07
C MET B 74 4.65 6.52 -3.59
N TYR B 86 10.34 18.53 -13.79
CA TYR B 86 10.89 17.38 -14.50
C TYR B 86 9.76 16.42 -14.86
N THR B 87 9.65 16.10 -16.15
CA THR B 87 8.75 15.03 -16.62
C THR B 87 9.58 13.82 -17.03
N VAL B 88 9.32 12.69 -16.35
CA VAL B 88 9.98 11.41 -16.67
C VAL B 88 9.74 10.99 -18.12
N THR B 89 10.83 10.84 -18.87
CA THR B 89 10.76 10.27 -20.23
C THR B 89 11.74 9.10 -20.35
N VAL B 90 11.60 8.32 -21.42
CA VAL B 90 12.37 7.09 -21.54
C VAL B 90 12.60 6.69 -23.01
N ASP B 91 13.71 6.00 -23.26
CA ASP B 91 14.05 5.51 -24.58
C ASP B 91 14.66 4.13 -24.47
N ALA B 92 14.40 3.28 -25.45
CA ALA B 92 15.01 1.96 -25.48
C ALA B 92 16.55 2.08 -25.50
N ARG B 93 17.23 1.26 -24.71
CA ARG B 93 18.70 1.33 -24.64
C ARG B 93 19.33 0.87 -25.94
N ASN B 94 18.84 -0.25 -26.46
CA ASN B 94 19.42 -0.86 -27.65
C ASN B 94 18.45 -0.92 -28.81
N GLY B 95 19.00 -0.93 -30.02
CA GLY B 95 18.23 -1.20 -31.24
C GLY B 95 17.46 -0.02 -31.79
N ILE B 96 17.79 1.18 -31.34
CA ILE B 96 17.17 2.40 -31.84
C ILE B 96 18.26 3.40 -32.14
N GLY B 97 17.95 4.40 -32.97
CA GLY B 97 18.90 5.46 -33.27
C GLY B 97 18.80 6.59 -32.25
N THR B 98 18.35 7.75 -32.71
CA THR B 98 18.26 8.91 -31.83
C THR B 98 17.02 8.91 -30.93
N GLY B 99 15.99 8.15 -31.28
CA GLY B 99 14.79 8.05 -30.44
C GLY B 99 13.49 8.65 -30.99
N ILE B 100 13.56 9.75 -31.74
CA ILE B 100 12.34 10.44 -32.21
C ILE B 100 11.56 9.74 -33.30
N SER B 101 12.26 9.03 -34.19
CA SER B 101 11.64 8.38 -35.34
C SER B 101 10.52 7.43 -34.91
N ALA B 102 9.55 7.23 -35.79
CA ALA B 102 8.45 6.30 -35.55
C ALA B 102 8.98 4.89 -35.25
N SER B 103 9.87 4.37 -36.11
CA SER B 103 10.51 3.08 -35.87
C SER B 103 11.06 3.01 -34.46
N ASP B 104 11.91 3.97 -34.11
CA ASP B 104 12.54 3.98 -32.80
C ASP B 104 11.52 4.04 -31.68
N ARG B 105 10.58 4.99 -31.81
CA ARG B 105 9.56 5.18 -30.79
C ARG B 105 8.66 3.98 -30.66
N ALA B 106 8.38 3.32 -31.79
CA ALA B 106 7.63 2.06 -31.79
C ALA B 106 8.35 0.99 -30.93
N THR B 107 9.68 0.95 -31.06
CA THR B 107 10.51 0.02 -30.33
C THR B 107 10.43 0.27 -28.82
N THR B 108 10.48 1.54 -28.41
CA THR B 108 10.38 1.88 -26.98
C THR B 108 9.01 1.46 -26.44
N MET B 109 7.96 1.66 -27.25
CA MET B 109 6.62 1.25 -26.83
C MET B 109 6.52 -0.26 -26.65
N ARG B 110 6.87 -1.01 -27.69
CA ARG B 110 6.95 -2.47 -27.66
C ARG B 110 7.71 -3.05 -26.47
N LEU B 111 8.81 -2.40 -26.09
CA LEU B 111 9.71 -2.86 -25.03
C LEU B 111 9.21 -2.52 -23.62
N LEU B 112 8.39 -1.48 -23.49
CA LEU B 112 7.73 -1.20 -22.22
C LEU B 112 6.61 -2.22 -21.99
N ALA B 113 6.01 -2.67 -23.09
CA ALA B 113 4.88 -3.58 -23.05
C ALA B 113 5.29 -5.02 -22.76
N ASP B 114 6.57 -5.32 -23.00
CA ASP B 114 7.04 -6.68 -22.83
C ASP B 114 7.28 -7.05 -21.36
N PRO B 115 6.83 -8.24 -20.95
CA PRO B 115 6.98 -8.70 -19.56
C PRO B 115 8.42 -9.06 -19.18
N THR B 116 9.27 -9.32 -20.16
CA THR B 116 10.63 -9.78 -19.91
C THR B 116 11.66 -8.65 -19.94
N SER B 117 11.21 -7.43 -20.24
CA SER B 117 12.10 -6.28 -20.20
C SER B 117 12.30 -5.79 -18.78
N VAL B 118 13.48 -5.20 -18.56
CA VAL B 118 13.99 -4.83 -17.25
C VAL B 118 14.32 -3.33 -17.28
N ALA B 119 14.49 -2.73 -16.10
CA ALA B 119 14.96 -1.33 -15.96
C ALA B 119 16.16 -1.01 -16.86
N ASP B 120 17.19 -1.88 -16.84
CA ASP B 120 18.42 -1.67 -17.61
C ASP B 120 18.25 -1.79 -19.15
N ASP B 121 17.02 -2.01 -19.59
CA ASP B 121 16.67 -2.05 -21.03
C ASP B 121 16.36 -0.64 -21.56
N PHE B 122 16.29 0.33 -20.65
CA PHE B 122 15.84 1.68 -20.96
C PHE B 122 16.81 2.79 -20.55
N THR B 123 16.68 3.95 -21.18
CA THR B 123 17.47 5.12 -20.85
C THR B 123 16.58 6.32 -20.54
N ARG B 124 16.83 6.97 -19.40
CA ARG B 124 16.31 8.30 -19.14
C ARG B 124 17.44 9.30 -19.47
N PRO B 125 17.14 10.42 -20.16
CA PRO B 125 15.84 10.81 -20.69
C PRO B 125 15.61 10.16 -22.03
N GLY B 126 14.38 10.26 -22.54
CA GLY B 126 14.00 9.66 -23.80
C GLY B 126 12.97 10.51 -24.50
N HIS B 127 12.15 9.87 -25.32
CA HIS B 127 11.16 10.54 -26.18
C HIS B 127 9.75 9.97 -26.01
N VAL B 128 9.53 9.26 -24.91
CA VAL B 128 8.24 8.65 -24.63
C VAL B 128 7.89 8.92 -23.18
N VAL B 129 6.68 9.42 -22.94
CA VAL B 129 6.24 9.69 -21.59
C VAL B 129 5.44 8.49 -21.06
N PRO B 130 6.02 7.74 -20.12
CA PRO B 130 5.30 6.61 -19.53
C PRO B 130 4.37 7.13 -18.46
N LEU B 131 3.10 6.78 -18.52
CA LEU B 131 2.15 7.20 -17.50
C LEU B 131 1.67 6.03 -16.64
N ARG B 132 1.59 6.25 -15.33
CA ARG B 132 1.07 5.22 -14.42
C ARG B 132 -0.44 5.33 -14.24
N ALA B 133 -1.18 4.35 -14.72
CA ALA B 133 -2.65 4.32 -14.54
C ALA B 133 -3.02 3.90 -13.13
N LYS B 134 -4.09 4.47 -12.57
CA LYS B 134 -4.54 4.05 -11.22
C LYS B 134 -5.01 2.59 -11.24
N ASP B 135 -4.82 1.89 -10.12
CA ASP B 135 -5.27 0.50 -9.99
C ASP B 135 -6.78 0.43 -10.20
N GLY B 136 -7.22 -0.50 -11.03
CA GLY B 136 -8.64 -0.63 -11.29
C GLY B 136 -9.11 0.03 -12.57
N GLY B 137 -8.22 0.75 -13.23
CA GLY B 137 -8.55 1.39 -14.49
C GLY B 137 -9.67 2.38 -14.27
N VAL B 138 -10.57 2.49 -15.25
CA VAL B 138 -11.59 3.54 -15.25
C VAL B 138 -12.58 3.47 -14.11
N LEU B 139 -12.69 2.31 -13.47
CA LEU B 139 -13.60 2.15 -12.34
C LEU B 139 -13.09 2.87 -11.09
N ARG B 140 -11.80 3.20 -11.09
CA ARG B 140 -11.21 3.97 -10.02
C ARG B 140 -10.81 5.38 -10.43
N ARG B 141 -10.55 5.61 -11.72
CA ARG B 141 -10.29 6.95 -12.25
C ARG B 141 -10.66 7.05 -13.74
N PRO B 142 -11.69 7.85 -14.07
CA PRO B 142 -12.25 7.97 -15.42
C PRO B 142 -11.33 8.63 -16.45
N GLY B 143 -10.02 8.47 -16.30
CA GLY B 143 -9.06 9.13 -17.17
C GLY B 143 -8.74 8.41 -18.47
N HIS B 144 -8.30 9.19 -19.46
CA HIS B 144 -7.86 8.65 -20.74
C HIS B 144 -6.68 7.68 -20.58
N THR B 145 -5.85 7.93 -19.56
CA THR B 145 -4.72 7.06 -19.22
C THR B 145 -5.19 5.67 -18.78
N GLU B 146 -6.23 5.64 -17.93
CA GLU B 146 -6.83 4.38 -17.46
C GLU B 146 -7.54 3.66 -18.59
N ALA B 147 -8.20 4.44 -19.44
CA ALA B 147 -8.91 3.91 -20.60
C ALA B 147 -7.97 3.09 -21.46
N ALA B 148 -6.72 3.52 -21.56
CA ALA B 148 -5.75 2.87 -22.42
C ALA B 148 -5.30 1.48 -21.95
N VAL B 149 -4.95 1.34 -20.68
CA VAL B 149 -4.59 0.02 -20.19
C VAL B 149 -5.83 -0.89 -20.19
N ASP B 150 -6.98 -0.37 -19.80
CA ASP B 150 -8.20 -1.18 -19.74
C ASP B 150 -8.48 -1.88 -21.06
N LEU B 151 -8.41 -1.11 -22.15
CA LEU B 151 -8.67 -1.65 -23.49
C LEU B 151 -7.63 -2.71 -23.84
N ALA B 152 -6.38 -2.38 -23.57
CA ALA B 152 -5.26 -3.29 -23.77
C ALA B 152 -5.51 -4.62 -23.06
N ARG B 153 -5.95 -4.53 -21.81
CA ARG B 153 -6.16 -5.71 -20.99
C ARG B 153 -7.38 -6.46 -21.50
N MET B 154 -8.46 -5.73 -21.72
CA MET B 154 -9.69 -6.31 -22.24
C MET B 154 -9.48 -7.00 -23.60
N ALA B 155 -8.49 -6.52 -24.35
CA ALA B 155 -8.15 -7.14 -25.63
C ALA B 155 -7.36 -8.44 -25.43
N GLY B 156 -6.94 -8.70 -24.21
CA GLY B 156 -6.17 -9.91 -23.89
C GLY B 156 -4.69 -9.74 -24.18
N LEU B 157 -4.22 -8.51 -24.12
CA LEU B 157 -2.82 -8.17 -24.39
C LEU B 157 -2.22 -7.57 -23.13
N GLN B 158 -0.92 -7.24 -23.15
CA GLN B 158 -0.25 -6.62 -22.00
C GLN B 158 -0.95 -5.33 -21.58
N PRO B 159 -1.10 -5.10 -20.26
CA PRO B 159 -1.79 -3.88 -19.83
C PRO B 159 -0.88 -2.65 -20.01
N ALA B 160 -0.58 -2.35 -21.27
CA ALA B 160 0.20 -1.17 -21.67
C ALA B 160 -0.32 -0.63 -22.98
N GLY B 161 -0.70 0.64 -22.96
CA GLY B 161 -1.25 1.30 -24.13
C GLY B 161 -0.41 2.48 -24.56
N ALA B 162 -0.82 3.11 -25.65
CA ALA B 162 -0.17 4.31 -26.15
C ALA B 162 -1.25 5.30 -26.54
N ILE B 163 -1.09 6.55 -26.12
CA ILE B 163 -2.06 7.60 -26.44
C ILE B 163 -1.41 8.91 -26.84
N CYS B 164 -2.20 9.74 -27.50
CA CYS B 164 -1.86 11.14 -27.78
C CYS B 164 -3.13 11.78 -28.31
N GLU B 165 -3.34 13.06 -27.98
CA GLU B 165 -4.56 13.78 -28.35
C GLU B 165 -4.58 14.12 -29.84
N ILE B 166 -5.78 14.17 -30.42
CA ILE B 166 -5.90 14.47 -31.85
C ILE B 166 -6.01 15.97 -32.12
N VAL B 167 -5.05 16.51 -32.86
CA VAL B 167 -5.08 17.92 -33.25
C VAL B 167 -6.21 18.18 -34.26
N SER B 168 -6.84 19.34 -34.13
CA SER B 168 -7.93 19.75 -35.02
C SER B 168 -7.38 20.12 -36.38
N GLN B 169 -8.00 19.57 -37.42
CA GLN B 169 -7.64 19.92 -38.79
C GLN B 169 -8.43 21.17 -39.25
N LYS B 170 -9.67 21.30 -38.78
CA LYS B 170 -10.57 22.42 -39.16
C LYS B 170 -10.16 23.77 -38.54
N ASP B 171 -9.87 23.76 -37.25
CA ASP B 171 -9.39 24.94 -36.52
C ASP B 171 -8.00 24.63 -35.94
N GLU B 172 -6.96 25.00 -36.68
CA GLU B 172 -5.64 24.38 -36.52
C GLU B 172 -4.86 24.74 -35.27
N GLY B 173 -5.10 25.93 -34.74
CA GLY B 173 -4.47 26.32 -33.48
C GLY B 173 -4.96 25.51 -32.31
N SER B 174 -6.03 24.74 -32.53
CA SER B 174 -6.73 24.03 -31.46
C SER B 174 -6.58 22.51 -31.55
N MET B 175 -7.06 21.83 -30.50
CA MET B 175 -7.22 20.37 -30.49
C MET B 175 -8.63 20.01 -30.95
N ALA B 176 -8.77 18.88 -31.62
CA ALA B 176 -10.07 18.47 -32.15
C ALA B 176 -11.09 18.21 -31.05
N HIS B 177 -12.31 18.67 -31.29
CA HIS B 177 -13.42 18.41 -30.39
C HIS B 177 -14.35 17.32 -30.98
N THR B 178 -15.32 16.90 -30.17
CA THR B 178 -16.24 15.80 -30.48
C THR B 178 -16.69 15.69 -31.94
N ASP B 179 -17.33 16.74 -32.48
CA ASP B 179 -17.78 16.75 -33.87
C ASP B 179 -16.73 16.22 -34.86
N GLU B 180 -15.59 16.92 -34.89
CA GLU B 180 -14.48 16.59 -35.76
C GLU B 180 -13.95 15.18 -35.52
N LEU B 181 -13.88 14.77 -34.25
CA LEU B 181 -13.37 13.44 -33.88
C LEU B 181 -14.18 12.33 -34.51
N ARG B 182 -15.49 12.49 -34.54
CA ARG B 182 -16.34 11.54 -35.24
C ARG B 182 -16.01 11.58 -36.73
N VAL B 183 -15.94 12.79 -37.32
CA VAL B 183 -15.56 12.95 -38.74
C VAL B 183 -14.23 12.27 -39.02
N PHE B 184 -13.26 12.49 -38.13
CA PHE B 184 -11.92 11.92 -38.22
C PHE B 184 -11.94 10.39 -38.18
N ALA B 185 -12.74 9.82 -37.27
CA ALA B 185 -12.92 8.38 -37.18
C ALA B 185 -13.52 7.81 -38.48
N ASP B 186 -14.56 8.46 -38.99
CA ASP B 186 -15.18 8.06 -40.24
C ASP B 186 -14.17 8.05 -41.39
N GLU B 187 -13.41 9.14 -41.52
CA GLU B 187 -12.33 9.28 -42.49
C GLU B 187 -11.38 8.07 -42.50
N HIS B 188 -10.95 7.63 -41.31
CA HIS B 188 -9.90 6.62 -41.19
C HIS B 188 -10.37 5.25 -40.73
N GLY B 189 -11.70 5.05 -40.67
CA GLY B 189 -12.29 3.78 -40.25
C GLY B 189 -11.92 3.33 -38.85
N LEU B 190 -11.92 4.25 -37.89
CA LEU B 190 -11.57 3.94 -36.50
C LEU B 190 -12.81 4.05 -35.63
N ALA B 191 -12.81 3.33 -34.50
CA ALA B 191 -13.91 3.34 -33.55
C ALA B 191 -13.82 4.48 -32.56
N LEU B 192 -14.90 5.23 -32.40
CA LEU B 192 -14.94 6.29 -31.39
C LEU B 192 -15.83 5.88 -30.22
N ILE B 193 -15.24 5.83 -29.02
CA ILE B 193 -15.97 5.44 -27.82
C ILE B 193 -15.76 6.43 -26.68
N THR B 194 -16.61 6.34 -25.65
CA THR B 194 -16.51 7.22 -24.49
C THR B 194 -16.07 6.44 -23.26
N ILE B 195 -15.40 7.13 -22.32
CA ILE B 195 -15.05 6.56 -21.02
C ILE B 195 -16.32 6.13 -20.30
N ALA B 196 -17.38 6.94 -20.40
CA ALA B 196 -18.69 6.60 -19.85
C ALA B 196 -19.17 5.24 -20.34
N ASP B 197 -19.05 5.00 -21.65
CA ASP B 197 -19.45 3.73 -22.23
C ASP B 197 -18.50 2.60 -21.88
N LEU B 198 -17.24 2.94 -21.63
CA LEU B 198 -16.25 1.99 -21.15
C LEU B 198 -16.53 1.54 -19.71
N ILE B 199 -16.82 2.50 -18.84
CA ILE B 199 -17.17 2.23 -17.43
C ILE B 199 -18.33 1.23 -17.35
N GLU B 200 -19.37 1.52 -18.14
CA GLU B 200 -20.58 0.75 -18.13
C GLU B 200 -20.34 -0.67 -18.63
N TRP B 201 -19.50 -0.82 -19.66
CA TRP B 201 -19.19 -2.17 -20.12
C TRP B 201 -18.59 -2.94 -18.98
N ARG B 202 -17.58 -2.34 -18.36
CA ARG B 202 -16.81 -2.99 -17.31
C ARG B 202 -17.65 -3.38 -16.10
N ARG B 203 -18.35 -2.42 -15.53
CA ARG B 203 -19.12 -2.66 -14.30
C ARG B 203 -20.21 -3.70 -14.50
N LYS B 204 -20.70 -3.81 -15.73
CA LYS B 204 -21.70 -4.82 -16.10
C LYS B 204 -21.07 -6.16 -16.46
N HIS B 205 -19.75 -6.19 -16.54
CA HIS B 205 -19.03 -7.41 -16.92
C HIS B 205 -18.13 -7.98 -15.84
N GLU B 206 -17.68 -7.15 -14.90
CA GLU B 206 -16.67 -7.56 -13.90
C GLU B 206 -17.13 -7.44 -12.45
N LYS B 207 -16.63 -8.35 -11.61
CA LYS B 207 -16.69 -8.13 -10.17
C LYS B 207 -15.82 -6.94 -9.85
N HIS B 208 -16.32 -6.01 -9.04
CA HIS B 208 -15.61 -4.77 -8.77
C HIS B 208 -15.88 -4.18 -7.38
N ILE B 209 -16.97 -4.61 -6.76
CA ILE B 209 -17.37 -4.12 -5.44
C ILE B 209 -17.99 -5.24 -4.59
N GLU B 210 -17.74 -5.23 -3.29
CA GLU B 210 -18.25 -6.27 -2.39
C GLU B 210 -18.95 -5.66 -1.18
N ARG B 211 -19.90 -6.40 -0.63
CA ARG B 211 -20.43 -6.08 0.69
C ARG B 211 -19.60 -6.79 1.75
N VAL B 212 -19.06 -6.04 2.70
CA VAL B 212 -18.20 -6.61 3.74
C VAL B 212 -18.98 -7.00 5.00
N ALA B 213 -19.94 -6.16 5.38
CA ALA B 213 -20.79 -6.41 6.55
C ALA B 213 -22.12 -5.69 6.43
N GLU B 214 -23.12 -6.16 7.17
CA GLU B 214 -24.38 -5.42 7.35
C GLU B 214 -24.71 -5.36 8.85
N ALA B 215 -25.48 -4.35 9.25
CA ALA B 215 -25.90 -4.14 10.64
C ALA B 215 -27.05 -3.15 10.72
N ARG B 216 -27.71 -3.10 11.87
CA ARG B 216 -28.80 -2.15 12.11
C ARG B 216 -28.35 -1.07 13.07
N ILE B 217 -27.70 -0.03 12.54
CA ILE B 217 -27.20 1.08 13.36
C ILE B 217 -28.34 1.94 13.94
N PRO B 218 -28.48 1.98 15.28
CA PRO B 218 -29.50 2.81 15.91
C PRO B 218 -28.98 4.21 16.27
N THR B 219 -29.17 5.16 15.36
CA THR B 219 -28.65 6.53 15.51
C THR B 219 -29.52 7.44 16.40
N ARG B 220 -29.10 8.70 16.54
CA ARG B 220 -29.88 9.72 17.24
C ARG B 220 -31.16 10.08 16.49
N HIS B 221 -31.17 9.86 15.18
CA HIS B 221 -32.33 10.18 14.35
C HIS B 221 -33.05 8.90 13.91
N GLY B 222 -33.21 7.96 14.83
CA GLY B 222 -33.87 6.71 14.52
C GLY B 222 -32.93 5.56 14.19
N GLU B 223 -33.36 4.69 13.30
CA GLU B 223 -32.60 3.49 12.98
C GLU B 223 -32.25 3.44 11.50
N PHE B 224 -30.97 3.21 11.22
CA PHE B 224 -30.47 3.02 9.86
C PHE B 224 -29.90 1.62 9.65
N ARG B 225 -29.90 1.18 8.40
CA ARG B 225 -29.31 -0.09 8.01
C ARG B 225 -27.91 0.20 7.47
N ALA B 226 -26.89 -0.08 8.28
CA ALA B 226 -25.48 0.22 7.92
C ALA B 226 -24.83 -0.93 7.14
N ILE B 227 -24.24 -0.61 5.99
CA ILE B 227 -23.69 -1.62 5.08
C ILE B 227 -22.28 -1.27 4.64
N GLY B 228 -21.33 -2.16 4.95
CA GLY B 228 -19.93 -1.96 4.59
C GLY B 228 -19.58 -2.39 3.17
N TYR B 229 -19.23 -1.42 2.32
CA TYR B 229 -18.78 -1.70 0.96
C TYR B 229 -17.27 -1.59 0.85
N THR B 230 -16.66 -2.49 0.11
CA THR B 230 -15.24 -2.38 -0.20
C THR B 230 -14.99 -2.51 -1.70
N SER B 231 -14.00 -1.81 -2.21
CA SER B 231 -13.58 -2.02 -3.60
C SER B 231 -12.54 -3.12 -3.64
N ILE B 232 -12.51 -3.87 -4.74
CA ILE B 232 -11.49 -4.90 -4.89
C ILE B 232 -10.13 -4.34 -5.29
N TYR B 233 -10.08 -3.01 -5.48
CA TYR B 233 -8.84 -2.33 -5.89
C TYR B 233 -8.23 -1.50 -4.76
N GLU B 234 -9.03 -1.21 -3.73
CA GLU B 234 -8.53 -0.56 -2.51
C GLU B 234 -9.05 -1.29 -1.25
N ASP B 235 -8.28 -1.24 -0.18
CA ASP B 235 -8.75 -1.85 1.06
C ASP B 235 -9.14 -0.87 2.16
N VAL B 236 -10.05 0.03 1.80
CA VAL B 236 -10.79 0.79 2.80
C VAL B 236 -12.24 0.29 2.71
N GLU B 237 -13.00 0.47 3.79
CA GLU B 237 -14.41 0.07 3.80
C GLU B 237 -15.31 1.26 4.03
N HIS B 238 -16.11 1.59 3.02
CA HIS B 238 -17.01 2.69 3.11
C HIS B 238 -18.30 2.20 3.72
N VAL B 239 -18.99 3.07 4.44
CA VAL B 239 -20.26 2.69 5.04
C VAL B 239 -21.42 3.37 4.35
N ALA B 240 -22.51 2.63 4.18
CA ALA B 240 -23.72 3.15 3.58
C ALA B 240 -24.85 3.06 4.58
N LEU B 241 -25.49 4.20 4.86
CA LEU B 241 -26.60 4.27 5.79
C LEU B 241 -27.90 4.45 5.03
N VAL B 242 -28.77 3.44 5.11
CA VAL B 242 -29.95 3.36 4.26
C VAL B 242 -31.22 3.38 5.12
N ARG B 243 -32.19 4.19 4.71
CA ARG B 243 -33.48 4.25 5.39
C ARG B 243 -34.59 3.80 4.44
N GLY B 244 -35.45 2.91 4.91
CA GLY B 244 -36.57 2.40 4.12
C GLY B 244 -36.15 1.52 2.96
N GLU B 245 -37.07 1.33 2.00
CA GLU B 245 -36.81 0.51 0.82
C GLU B 245 -36.35 1.34 -0.37
N ILE B 246 -35.29 0.89 -1.04
CA ILE B 246 -34.77 1.58 -2.23
C ILE B 246 -35.03 0.78 -3.49
N GLY B 253 -35.91 1.67 -8.37
CA GLY B 253 -35.61 2.49 -7.21
C GLY B 253 -35.38 3.94 -7.61
N ASP B 254 -36.48 4.70 -7.67
CA ASP B 254 -36.47 6.06 -8.21
C ASP B 254 -36.53 7.15 -7.13
N ASP B 255 -36.18 8.38 -7.51
CA ASP B 255 -36.36 9.60 -6.70
C ASP B 255 -35.91 9.51 -5.23
N VAL B 256 -34.72 8.97 -5.01
CA VAL B 256 -34.18 8.79 -3.65
C VAL B 256 -33.25 9.93 -3.25
N LEU B 257 -33.33 10.35 -1.99
CA LEU B 257 -32.51 11.43 -1.44
C LEU B 257 -31.15 10.88 -1.03
N VAL B 258 -30.11 11.25 -1.78
CA VAL B 258 -28.77 10.72 -1.57
C VAL B 258 -27.82 11.81 -1.10
N ARG B 259 -27.05 11.51 -0.06
CA ARG B 259 -25.96 12.37 0.35
C ARG B 259 -24.66 11.58 0.39
N VAL B 260 -23.68 12.05 -0.39
CA VAL B 260 -22.36 11.45 -0.37
C VAL B 260 -21.45 12.33 0.45
N HIS B 261 -21.04 11.82 1.61
CA HIS B 261 -20.31 12.59 2.62
C HIS B 261 -18.89 12.06 2.74
N SER B 262 -17.92 12.97 2.56
CA SER B 262 -16.50 12.66 2.73
C SER B 262 -16.11 12.65 4.18
N GLU B 263 -15.40 11.60 4.60
CA GLU B 263 -14.84 11.51 5.94
C GLU B 263 -14.11 12.80 6.23
N CYS B 264 -14.25 13.29 7.46
CA CYS B 264 -13.46 14.40 7.94
C CYS B 264 -13.26 14.11 9.40
N LEU B 265 -12.08 13.61 9.72
CA LEU B 265 -11.79 13.16 11.08
C LEU B 265 -11.96 14.28 12.08
N THR B 266 -11.34 15.43 11.77
CA THR B 266 -11.34 16.57 12.66
C THR B 266 -12.79 16.95 12.97
N GLY B 267 -13.61 17.05 11.92
CA GLY B 267 -14.97 17.57 12.04
C GLY B 267 -16.05 16.57 12.38
N ASP B 268 -15.98 15.38 11.80
CA ASP B 268 -16.97 14.32 12.05
C ASP B 268 -16.85 13.74 13.45
N VAL B 269 -15.61 13.56 13.88
CA VAL B 269 -15.31 12.87 15.13
C VAL B 269 -15.07 13.83 16.28
N PHE B 270 -14.14 14.77 16.11
CA PHE B 270 -13.77 15.68 17.20
C PHE B 270 -14.60 16.96 17.25
N GLY B 271 -15.52 17.11 16.30
CA GLY B 271 -16.43 18.24 16.29
C GLY B 271 -15.73 19.57 16.11
N SER B 272 -14.67 19.59 15.28
CA SER B 272 -13.99 20.83 14.93
C SER B 272 -14.98 21.89 14.45
N ARG B 273 -14.59 23.15 14.55
CA ARG B 273 -15.50 24.23 14.19
C ARG B 273 -14.91 25.18 13.15
N ARG B 274 -13.69 24.88 12.71
CA ARG B 274 -13.12 25.50 11.53
C ARG B 274 -13.62 24.72 10.33
N CYS B 275 -14.61 23.85 10.54
CA CYS B 275 -14.90 22.79 9.56
C CYS B 275 -16.34 22.66 9.04
N ASP B 276 -17.32 22.53 9.94
CA ASP B 276 -18.73 22.42 9.52
C ASP B 276 -19.16 21.06 8.93
N CYS B 277 -18.22 20.12 8.79
CA CYS B 277 -18.50 18.75 8.32
C CYS B 277 -19.37 17.93 9.29
N GLY B 278 -19.12 18.10 10.59
CA GLY B 278 -19.90 17.41 11.62
C GLY B 278 -21.40 17.66 11.54
N PRO B 279 -21.82 18.93 11.71
CA PRO B 279 -23.25 19.27 11.61
C PRO B 279 -23.85 18.97 10.23
N GLN B 280 -22.99 18.75 9.24
CA GLN B 280 -23.45 18.37 7.91
C GLN B 280 -23.90 16.91 7.86
N LEU B 281 -23.06 16.01 8.35
CA LEU B 281 -23.42 14.60 8.39
C LEU B 281 -24.69 14.41 9.22
N ASP B 282 -24.79 15.10 10.34
CA ASP B 282 -25.95 15.03 11.20
C ASP B 282 -27.22 15.46 10.46
N ALA B 283 -27.14 16.60 9.78
CA ALA B 283 -28.25 17.18 9.04
C ALA B 283 -28.78 16.24 7.96
N ALA B 284 -27.83 15.55 7.32
CA ALA B 284 -28.14 14.58 6.27
C ALA B 284 -28.94 13.41 6.83
N LEU B 285 -28.40 12.75 7.85
CA LEU B 285 -29.06 11.65 8.54
C LEU B 285 -30.50 12.02 8.94
N ALA B 286 -30.65 13.20 9.56
CA ALA B 286 -31.95 13.72 9.99
C ALA B 286 -32.92 13.96 8.84
N MET B 287 -32.44 14.64 7.80
CA MET B 287 -33.23 14.97 6.62
C MET B 287 -33.70 13.71 5.88
N VAL B 288 -32.82 12.70 5.82
CA VAL B 288 -33.15 11.40 5.26
C VAL B 288 -34.17 10.68 6.13
N ALA B 289 -34.04 10.86 7.45
CA ALA B 289 -34.96 10.28 8.41
C ALA B 289 -36.35 10.92 8.38
N ARG B 290 -36.40 12.25 8.26
CA ARG B 290 -37.69 12.97 8.17
C ARG B 290 -38.53 12.41 7.01
N GLU B 291 -37.84 11.91 5.99
CA GLU B 291 -38.45 11.13 4.93
C GLU B 291 -38.27 9.65 5.26
N GLY B 292 -39.16 8.79 4.81
CA GLY B 292 -39.02 7.35 5.06
C GLY B 292 -37.88 6.68 4.30
N ARG B 293 -37.25 7.42 3.37
CA ARG B 293 -36.41 6.82 2.33
C ARG B 293 -35.14 7.64 2.09
N GLY B 294 -34.04 6.95 1.79
CA GLY B 294 -32.79 7.63 1.45
C GLY B 294 -31.48 6.92 1.74
N VAL B 295 -30.39 7.47 1.19
CA VAL B 295 -29.04 6.92 1.37
C VAL B 295 -28.02 7.99 1.77
N VAL B 296 -27.31 7.73 2.86
CA VAL B 296 -26.19 8.59 3.24
C VAL B 296 -24.91 7.76 3.16
N LEU B 297 -24.06 8.08 2.18
CA LEU B 297 -22.77 7.42 2.04
C LEU B 297 -21.67 8.11 2.84
N TYR B 298 -20.96 7.33 3.64
CA TYR B 298 -19.77 7.81 4.33
C TYR B 298 -18.54 7.25 3.60
N MET B 299 -17.91 8.08 2.79
CA MET B 299 -16.76 7.65 1.98
C MET B 299 -15.45 7.85 2.71
N ARG B 300 -14.64 6.81 2.81
CA ARG B 300 -13.34 6.86 3.47
C ARG B 300 -12.24 6.51 2.49
N TYR B 341 -17.75 10.64 -8.23
CA TYR B 341 -17.43 9.70 -7.17
C TYR B 341 -17.48 8.27 -7.71
N GLY B 342 -16.33 7.77 -8.18
CA GLY B 342 -16.22 6.44 -8.76
C GLY B 342 -16.84 5.33 -7.92
N ILE B 343 -16.22 5.07 -6.77
CA ILE B 343 -16.67 4.02 -5.87
C ILE B 343 -18.03 4.38 -5.30
N GLY B 344 -18.25 5.67 -5.05
CA GLY B 344 -19.55 6.16 -4.59
C GLY B 344 -20.69 5.66 -5.47
N ALA B 345 -20.62 6.00 -6.76
CA ALA B 345 -21.61 5.57 -7.74
C ALA B 345 -21.83 4.05 -7.69
N GLN B 346 -20.73 3.30 -7.72
CA GLN B 346 -20.76 1.83 -7.72
C GLN B 346 -21.62 1.26 -6.59
N ILE B 347 -21.56 1.94 -5.44
CA ILE B 347 -22.28 1.55 -4.23
C ILE B 347 -23.76 1.89 -4.37
N LEU B 348 -24.04 3.06 -4.93
CA LEU B 348 -25.41 3.50 -5.10
C LEU B 348 -26.20 2.57 -6.03
N VAL B 349 -25.58 2.12 -7.13
CA VAL B 349 -26.27 1.21 -8.07
C VAL B 349 -26.49 -0.16 -7.43
N ASP B 350 -25.58 -0.53 -6.54
CA ASP B 350 -25.64 -1.81 -5.86
C ASP B 350 -26.78 -1.81 -4.84
N LEU B 351 -27.02 -0.64 -4.26
CA LEU B 351 -28.15 -0.44 -3.38
C LEU B 351 -29.46 -0.46 -4.16
N GLY B 352 -29.38 -0.15 -5.46
CA GLY B 352 -30.55 -0.17 -6.32
C GLY B 352 -31.13 1.21 -6.52
N VAL B 353 -30.24 2.19 -6.70
CA VAL B 353 -30.68 3.55 -6.98
C VAL B 353 -30.57 3.76 -8.49
N ARG B 354 -31.69 4.16 -9.12
CA ARG B 354 -31.69 4.49 -10.55
C ARG B 354 -31.66 6.01 -10.75
N SER B 355 -32.44 6.74 -9.96
CA SER B 355 -32.47 8.19 -9.97
C SER B 355 -32.37 8.72 -8.55
N MET B 356 -31.93 9.97 -8.39
CA MET B 356 -31.73 10.53 -7.05
C MET B 356 -31.85 12.03 -6.99
N ARG B 357 -32.25 12.51 -5.82
CA ARG B 357 -32.08 13.91 -5.46
C ARG B 357 -30.79 13.99 -4.64
N LEU B 358 -29.84 14.78 -5.14
CA LEU B 358 -28.51 14.84 -4.54
C LEU B 358 -28.38 15.98 -3.52
N LEU B 359 -28.02 15.62 -2.30
CA LEU B 359 -27.73 16.59 -1.24
C LEU B 359 -26.32 17.14 -1.37
N THR B 360 -26.23 18.33 -1.95
CA THR B 360 -24.96 18.99 -2.19
C THR B 360 -25.15 20.48 -2.44
N ASN B 361 -24.07 21.24 -2.27
CA ASN B 361 -24.05 22.66 -2.57
C ASN B 361 -23.03 22.91 -3.67
N ASN B 362 -23.31 22.34 -4.84
CA ASN B 362 -22.32 22.24 -5.92
C ASN B 362 -22.96 21.80 -7.25
N PRO B 363 -22.95 22.69 -8.28
CA PRO B 363 -23.46 22.37 -9.61
C PRO B 363 -22.52 21.44 -10.41
N ALA B 364 -22.88 21.18 -11.67
CA ALA B 364 -22.10 20.35 -12.60
C ALA B 364 -21.59 19.03 -12.01
N ASP B 370 -21.27 10.72 -16.72
CA ASP B 370 -21.10 9.75 -15.64
C ASP B 370 -20.85 8.33 -16.18
N GLY B 371 -21.90 7.65 -16.63
CA GLY B 371 -21.77 6.34 -17.28
C GLY B 371 -22.12 5.18 -16.38
N TYR B 372 -22.56 5.49 -15.16
CA TYR B 372 -23.16 4.50 -14.29
C TYR B 372 -24.66 4.57 -14.53
N GLY B 373 -25.45 3.99 -13.65
CA GLY B 373 -26.89 3.98 -13.88
C GLY B 373 -27.61 5.27 -13.52
N LEU B 374 -26.94 6.14 -12.77
CA LEU B 374 -27.62 7.18 -11.99
C LEU B 374 -28.04 8.40 -12.81
N HIS B 375 -29.19 8.98 -12.42
CA HIS B 375 -29.67 10.26 -12.97
C HIS B 375 -29.98 11.22 -11.82
N ILE B 376 -29.37 12.40 -11.86
CA ILE B 376 -29.61 13.41 -10.84
C ILE B 376 -30.89 14.20 -11.16
N ILE B 377 -31.97 13.85 -10.46
CA ILE B 377 -33.28 14.48 -10.67
C ILE B 377 -33.25 15.96 -10.27
N GLU B 378 -32.67 16.26 -9.10
CA GLU B 378 -32.60 17.62 -8.58
C GLU B 378 -31.38 17.76 -7.65
N ARG B 379 -31.16 18.98 -7.15
CA ARG B 379 -30.08 19.23 -6.18
C ARG B 379 -30.60 20.00 -4.95
N VAL B 380 -30.49 19.38 -3.77
CA VAL B 380 -31.03 19.97 -2.53
C VAL B 380 -29.92 20.34 -1.54
N PRO B 381 -30.01 21.56 -0.95
CA PRO B 381 -28.95 22.07 -0.07
C PRO B 381 -29.12 21.73 1.42
N LEU B 382 -28.21 22.28 2.25
CA LEU B 382 -28.21 22.17 3.72
C LEU B 382 -28.03 20.73 4.20
ZN ZN C . -18.39 1.35 20.02
S SO4 D . 12.08 -18.43 6.82
O1 SO4 D . 12.66 -17.07 6.87
O2 SO4 D . 13.06 -19.36 6.21
O3 SO4 D . 11.74 -18.89 8.20
O4 SO4 D . 10.84 -18.41 6.02
ZN ZN E . -14.23 19.06 7.34
S SO4 F . -6.06 11.55 -18.31
O1 SO4 F . -6.09 10.11 -17.98
O2 SO4 F . -4.70 11.94 -18.77
O3 SO4 F . -7.06 11.84 -19.36
O4 SO4 F . -6.41 12.33 -17.10
#